data_3FM8
#
_entry.id   3FM8
#
_cell.length_a   115.632
_cell.length_b   115.632
_cell.length_c   189.291
_cell.angle_alpha   90.000
_cell.angle_beta   90.000
_cell.angle_gamma   90.000
#
_symmetry.space_group_name_H-M   'P 41 21 2'
#
loop_
_entity.id
_entity.type
_entity.pdbx_description
1 polymer 'Kinesin-like protein KIF13B'
2 polymer Centaurin-alpha-1
3 non-polymer 'UNKNOWN ATOM OR ION'
4 non-polymer 'ZINC ION'
5 non-polymer 'SULFATE ION'
6 water water
#
loop_
_entity_poly.entity_id
_entity_poly.type
_entity_poly.pdbx_seq_one_letter_code
_entity_poly.pdbx_strand_id
1 'polypeptide(L)'
;MHHHHHHSSGRENLYFQGGIKVGDDKCFLVNLNADPALNELLVYYLKEHTLIGSANSQDIQLCGMGILPEHCIIDITSEG
QVMLTPQKNTRTFVNGSSVSSPIQLHHGDRILWGNNHFFRLNLP
;
A,B
2 'polypeptide(L)'
;MHHHHHHSSGRENLYFQGMAKERRRAVLELLQRPGNARCADCGAPDPDWASYTLGVFICLSCSGIHRNIPQVSKVKSVRL
DAWEEAQVEFMASHGNDAARARFESKVPSFYYRPTPSDCQLLREQWIRAKYERQEFIYPEKQEPYSAGYREGFLWKRGRD
NGQFLSRKFVLTEREGALKYFNRNDAKEPKAVMKIEHLNATFQPAKIGHPHGLQVTYLKDNSTRNIFIYHEDGKEIVDWF
NALRAARFHYLQVAFPGASDADLVPKLSRNYLKEGYMEKTGPKQTEGFRKRWFTMDDRRLMYFKDPLDAFARGEVFIGSK
ESGYTVLHGFPPSTQGHHWPHGITIVTPDRKFLFACETESDQREWVAAFQKAVDRPMLPQEYAVEAHFKHKP
;
C,D
#
# COMPACT_ATOMS: atom_id res chain seq x y z
N CYS A 27 -6.68 23.39 34.80
CA CYS A 27 -7.24 22.60 33.63
C CYS A 27 -6.51 22.88 32.32
N PHE A 28 -5.65 21.94 31.95
CA PHE A 28 -4.80 22.14 30.77
C PHE A 28 -4.43 20.85 30.02
N LEU A 29 -4.01 21.09 28.80
CA LEU A 29 -3.50 20.05 27.91
C LEU A 29 -1.98 20.13 27.78
N VAL A 30 -1.33 19.01 28.10
CA VAL A 30 0.12 18.83 27.93
C VAL A 30 0.43 18.22 26.58
N ASN A 31 1.18 18.93 25.76
CA ASN A 31 1.71 18.38 24.52
C ASN A 31 2.80 17.35 24.82
N LEU A 32 2.47 16.09 24.59
CA LEU A 32 3.37 14.96 24.90
C LEU A 32 4.58 14.84 24.01
N ASN A 33 4.55 15.56 22.89
CA ASN A 33 5.69 15.61 21.94
C ASN A 33 6.61 16.84 22.07
N ALA A 34 6.32 17.73 23.01
CA ALA A 34 7.17 18.90 23.22
C ALA A 34 8.44 18.44 23.91
N ASP A 35 9.54 18.74 23.29
CA ASP A 35 10.86 18.48 23.87
C ASP A 35 11.23 19.59 24.86
N PRO A 36 11.41 19.24 26.15
CA PRO A 36 11.73 20.26 27.16
C PRO A 36 13.02 21.05 26.91
N ALA A 37 13.93 20.42 26.18
CA ALA A 37 15.26 20.97 25.84
C ALA A 37 15.22 21.89 24.65
N LEU A 38 14.05 21.99 24.04
CA LEU A 38 13.82 22.89 22.91
C LEU A 38 12.84 23.99 23.28
N ASN A 39 12.92 25.08 22.53
CA ASN A 39 11.98 26.22 22.69
C ASN A 39 10.61 25.83 22.14
N GLU A 40 9.93 25.03 22.93
CA GLU A 40 8.66 24.41 22.58
C GLU A 40 7.63 24.60 23.67
N LEU A 41 6.45 24.97 23.23
CA LEU A 41 5.25 25.15 24.07
C LEU A 41 4.73 23.80 24.60
N LEU A 42 4.70 23.68 25.93
CA LEU A 42 4.27 22.42 26.59
C LEU A 42 2.78 22.35 26.96
N VAL A 43 2.21 23.50 27.30
CA VAL A 43 0.92 23.55 27.98
C VAL A 43 -0.07 24.47 27.26
N TYR A 44 -1.30 23.97 27.16
CA TYR A 44 -2.44 24.76 26.68
C TYR A 44 -3.48 24.70 27.75
N TYR A 45 -3.85 25.87 28.27
CA TYR A 45 -4.92 25.96 29.28
C TYR A 45 -6.24 25.91 28.55
N LEU A 46 -7.17 25.20 29.15
CA LEU A 46 -8.54 25.05 28.63
C LEU A 46 -9.45 26.13 29.20
N LYS A 47 -10.48 26.47 28.45
CA LYS A 47 -11.57 27.31 28.93
C LYS A 47 -12.76 26.43 29.19
N GLU A 48 -13.85 27.07 29.62
CA GLU A 48 -15.12 26.34 29.90
C GLU A 48 -15.66 25.73 28.62
N HIS A 49 -15.57 26.51 27.55
CA HIS A 49 -15.92 26.09 26.19
C HIS A 49 -14.71 26.32 25.27
N THR A 50 -13.97 25.26 24.98
CA THR A 50 -12.73 25.40 24.19
C THR A 50 -12.82 24.83 22.79
N LEU A 51 -12.65 25.72 21.82
CA LEU A 51 -12.59 25.34 20.42
C LEU A 51 -11.15 25.07 20.00
N ILE A 52 -10.96 23.89 19.42
CA ILE A 52 -9.66 23.44 18.93
C ILE A 52 -9.70 23.13 17.44
N GLY A 53 -8.73 23.69 16.73
CA GLY A 53 -8.59 23.55 15.27
C GLY A 53 -7.59 24.53 14.70
N SER A 54 -7.45 24.55 13.39
CA SER A 54 -6.40 25.38 12.73
C SER A 54 -6.79 26.83 12.46
N ALA A 55 -8.09 27.11 12.52
CA ALA A 55 -8.58 28.47 12.25
C ALA A 55 -8.16 29.48 13.34
N ASN A 56 -7.95 30.71 12.89
CA ASN A 56 -7.63 31.83 13.81
C ASN A 56 -8.64 31.93 14.93
N SER A 57 -9.86 31.52 14.63
CA SER A 57 -11.01 31.61 15.56
C SER A 57 -10.91 30.67 16.78
N GLN A 58 -10.11 29.62 16.66
CA GLN A 58 -10.07 28.55 17.69
C GLN A 58 -9.26 28.98 18.91
N ASP A 59 -9.70 28.49 20.07
CA ASP A 59 -9.08 28.88 21.35
C ASP A 59 -7.72 28.23 21.52
N ILE A 60 -7.63 27.00 21.05
CA ILE A 60 -6.35 26.29 20.91
C ILE A 60 -6.14 26.00 19.43
N GLN A 61 -5.22 26.76 18.83
CA GLN A 61 -4.94 26.68 17.39
C GLN A 61 -3.78 25.75 17.08
N LEU A 62 -4.14 24.63 16.52
CA LEU A 62 -3.21 23.58 16.11
C LEU A 62 -3.17 23.45 14.61
N CYS A 63 -1.95 23.36 14.11
CA CYS A 63 -1.73 23.20 12.68
C CYS A 63 -0.93 21.96 12.46
N GLY A 64 -1.31 21.22 11.43
CA GLY A 64 -0.57 20.05 11.03
C GLY A 64 -1.44 19.06 10.34
N MET A 65 -0.83 18.00 9.88
CA MET A 65 -1.53 16.98 9.09
C MET A 65 -2.72 16.42 9.87
N GLY A 66 -3.87 16.41 9.20
CA GLY A 66 -5.09 15.80 9.74
C GLY A 66 -5.92 16.63 10.71
N ILE A 67 -5.61 17.90 10.79
CA ILE A 67 -6.33 18.85 11.65
C ILE A 67 -7.20 19.79 10.81
N LEU A 68 -8.45 19.93 11.22
CA LEU A 68 -9.40 20.80 10.52
C LEU A 68 -9.44 22.20 11.14
N PRO A 69 -9.82 23.21 10.34
CA PRO A 69 -10.09 24.56 10.86
C PRO A 69 -10.83 24.55 12.20
N GLU A 70 -11.84 23.70 12.24
CA GLU A 70 -12.60 23.41 13.45
C GLU A 70 -12.59 21.90 13.64
N HIS A 71 -11.90 21.44 14.67
CA HIS A 71 -11.56 20.01 14.82
C HIS A 71 -12.18 19.29 16.02
N CYS A 72 -12.24 20.01 17.13
CA CYS A 72 -12.74 19.46 18.40
C CYS A 72 -13.35 20.52 19.30
N ILE A 73 -14.04 20.03 20.32
CA ILE A 73 -14.61 20.91 21.34
C ILE A 73 -14.51 20.26 22.69
N ILE A 74 -13.95 21.01 23.64
CA ILE A 74 -13.93 20.59 25.04
C ILE A 74 -14.73 21.57 25.89
N ASP A 75 -15.60 20.98 26.69
CA ASP A 75 -16.49 21.72 27.56
C ASP A 75 -16.24 21.30 28.96
N ILE A 76 -16.11 22.28 29.83
CA ILE A 76 -16.05 22.01 31.26
C ILE A 76 -17.41 22.40 31.87
N THR A 77 -18.14 21.39 32.31
CA THR A 77 -19.48 21.56 32.88
C THR A 77 -19.38 22.37 34.15
N SER A 78 -20.50 23.01 34.48
CA SER A 78 -20.67 23.73 35.77
C SER A 78 -20.20 22.88 36.93
N GLU A 79 -20.56 21.60 36.85
CA GLU A 79 -20.27 20.63 37.91
C GLU A 79 -18.98 19.84 37.65
N GLY A 80 -17.97 20.57 37.17
CA GLY A 80 -16.57 20.09 37.07
C GLY A 80 -16.26 18.99 36.06
N GLN A 81 -17.27 18.65 35.29
CA GLN A 81 -17.22 17.52 34.34
C GLN A 81 -16.61 17.97 33.02
N VAL A 82 -15.68 17.16 32.50
CA VAL A 82 -15.00 17.49 31.22
C VAL A 82 -15.45 16.56 30.09
N MET A 83 -15.95 17.18 29.04
CA MET A 83 -16.51 16.47 27.90
C MET A 83 -15.84 16.89 26.61
N LEU A 84 -15.44 15.90 25.82
CA LEU A 84 -14.84 16.11 24.49
C LEU A 84 -15.86 15.78 23.42
N THR A 85 -16.04 16.72 22.50
CA THR A 85 -16.92 16.51 21.34
C THR A 85 -16.14 16.69 20.03
N PRO A 86 -15.85 15.57 19.32
CA PRO A 86 -15.17 15.70 18.04
C PRO A 86 -16.06 16.28 16.98
N GLN A 87 -15.48 17.04 16.07
CA GLN A 87 -16.22 17.45 14.89
C GLN A 87 -16.28 16.26 13.96
N LYS A 88 -17.25 16.28 13.07
CA LYS A 88 -17.41 15.21 12.07
C LYS A 88 -16.17 15.07 11.21
N ASN A 89 -15.85 13.81 10.94
CA ASN A 89 -14.84 13.41 9.94
C ASN A 89 -13.42 13.75 10.35
N THR A 90 -13.22 13.75 11.65
CA THR A 90 -11.93 14.08 12.23
C THR A 90 -11.26 12.83 12.76
N ARG A 91 -9.94 12.87 12.72
CA ARG A 91 -9.14 11.81 13.34
C ARG A 91 -9.00 12.14 14.81
N THR A 92 -9.69 11.34 15.61
CA THR A 92 -9.80 11.56 17.07
C THR A 92 -9.84 10.25 17.85
N PHE A 93 -8.85 10.11 18.71
CA PHE A 93 -8.71 8.97 19.63
C PHE A 93 -8.58 9.46 21.05
N VAL A 94 -9.23 8.75 21.96
CA VAL A 94 -9.07 8.97 23.39
C VAL A 94 -8.62 7.67 24.01
N ASN A 95 -7.52 7.75 24.74
CA ASN A 95 -6.86 6.58 25.31
C ASN A 95 -6.74 5.43 24.31
N GLY A 96 -6.44 5.81 23.09
CA GLY A 96 -6.02 4.86 22.06
C GLY A 96 -7.13 4.30 21.21
N SER A 97 -8.36 4.65 21.52
CA SER A 97 -9.48 4.21 20.70
C SER A 97 -10.31 5.36 20.16
N SER A 98 -10.78 5.16 18.95
CA SER A 98 -11.44 6.22 18.21
C SER A 98 -12.76 6.58 18.83
N VAL A 99 -13.11 7.81 18.55
CA VAL A 99 -14.16 8.52 19.22
C VAL A 99 -14.87 9.35 18.18
N SER A 100 -16.18 9.21 18.08
CA SER A 100 -16.94 9.98 17.11
C SER A 100 -18.22 10.60 17.67
N SER A 101 -18.40 10.45 18.97
CA SER A 101 -19.48 11.12 19.70
C SER A 101 -18.97 11.65 21.06
N PRO A 102 -19.77 12.50 21.74
CA PRO A 102 -19.30 13.08 23.00
C PRO A 102 -18.87 12.04 24.02
N ILE A 103 -17.74 12.31 24.65
CA ILE A 103 -17.14 11.38 25.60
C ILE A 103 -16.59 12.16 26.80
N GLN A 104 -16.79 11.61 27.98
CA GLN A 104 -16.27 12.23 29.20
C GLN A 104 -14.80 11.88 29.39
N LEU A 105 -14.04 12.93 29.65
CA LEU A 105 -12.60 12.84 29.94
C LEU A 105 -12.33 12.85 31.43
N HIS A 106 -11.30 12.13 31.79
CA HIS A 106 -10.78 12.13 33.14
C HIS A 106 -9.33 12.55 33.13
N HIS A 107 -8.85 12.81 34.33
CA HIS A 107 -7.49 13.31 34.53
C HIS A 107 -6.51 12.24 34.06
N GLY A 108 -5.58 12.66 33.22
CA GLY A 108 -4.57 11.78 32.69
C GLY A 108 -4.95 11.12 31.36
N ASP A 109 -6.13 11.44 30.87
CA ASP A 109 -6.57 10.93 29.55
C ASP A 109 -5.68 11.46 28.45
N ARG A 110 -5.45 10.61 27.45
CA ARG A 110 -4.58 10.91 26.32
C ARG A 110 -5.42 11.06 25.06
N ILE A 111 -5.19 12.16 24.36
CA ILE A 111 -5.93 12.55 23.18
C ILE A 111 -5.00 12.60 21.98
N LEU A 112 -5.42 11.98 20.88
CA LEU A 112 -4.76 12.16 19.58
C LEU A 112 -5.69 12.84 18.60
N TRP A 113 -5.25 13.99 18.13
CA TRP A 113 -5.90 14.71 17.07
C TRP A 113 -5.01 14.65 15.86
N GLY A 114 -5.64 14.43 14.73
CA GLY A 114 -4.96 14.37 13.46
C GLY A 114 -3.91 13.28 13.48
N ASN A 115 -2.83 13.59 12.80
CA ASN A 115 -1.73 12.67 12.61
C ASN A 115 -0.86 12.47 13.83
N ASN A 116 -0.44 13.57 14.41
CA ASN A 116 0.43 13.52 15.58
C ASN A 116 0.28 14.64 16.63
N HIS A 117 -0.93 15.15 16.78
CA HIS A 117 -1.22 16.07 17.90
C HIS A 117 -1.64 15.28 19.09
N PHE A 118 -0.64 15.00 19.91
CA PHE A 118 -0.74 14.04 21.00
C PHE A 118 -0.62 14.78 22.33
N PHE A 119 -1.72 14.76 23.08
CA PHE A 119 -1.88 15.52 24.32
C PHE A 119 -2.32 14.69 25.50
N ARG A 120 -1.98 15.18 26.68
CA ARG A 120 -2.45 14.61 27.95
C ARG A 120 -3.21 15.66 28.75
N LEU A 121 -4.27 15.19 29.40
CA LEU A 121 -5.20 16.06 30.16
C LEU A 121 -4.88 16.11 31.65
N ASN A 122 -4.73 17.34 32.12
CA ASN A 122 -4.60 17.60 33.56
C ASN A 122 -5.83 18.33 34.08
N LEU A 123 -6.57 17.64 34.94
CA LEU A 123 -7.71 18.22 35.67
C LEU A 123 -7.30 18.41 37.13
N PRO A 124 -7.78 19.50 37.75
CA PRO A 124 -7.32 19.81 39.10
C PRO A 124 -8.07 19.00 40.16
N CYS B 27 -11.06 -18.12 -36.24
CA CYS B 27 -11.58 -17.01 -35.36
C CYS B 27 -11.53 -17.38 -33.86
N PHE B 28 -10.56 -16.82 -33.16
CA PHE B 28 -10.25 -17.29 -31.81
C PHE B 28 -9.33 -16.40 -30.95
N LEU B 29 -9.33 -16.75 -29.66
CA LEU B 29 -8.46 -16.14 -28.65
C LEU B 29 -7.30 -17.09 -28.31
N VAL B 30 -6.14 -16.48 -28.13
CA VAL B 30 -4.97 -17.21 -27.66
C VAL B 30 -4.68 -16.76 -26.24
N ASN B 31 -4.48 -17.73 -25.35
CA ASN B 31 -4.05 -17.45 -23.97
C ASN B 31 -2.55 -17.18 -23.99
N LEU B 32 -2.23 -15.90 -23.79
CA LEU B 32 -0.85 -15.41 -23.87
C LEU B 32 0.06 -15.95 -22.78
N ASN B 33 -0.56 -16.50 -21.73
CA ASN B 33 0.14 -17.12 -20.58
C ASN B 33 0.22 -18.63 -20.60
N ALA B 34 -0.44 -19.24 -21.57
CA ALA B 34 -0.34 -20.69 -21.81
C ALA B 34 1.09 -21.09 -22.22
N ASP B 35 1.67 -22.00 -21.44
CA ASP B 35 3.05 -22.48 -21.64
C ASP B 35 3.04 -23.67 -22.61
N PRO B 36 3.67 -23.51 -23.79
CA PRO B 36 3.60 -24.60 -24.77
C PRO B 36 4.50 -25.78 -24.45
N ALA B 37 5.52 -25.54 -23.63
CA ALA B 37 6.41 -26.60 -23.10
C ALA B 37 5.66 -27.63 -22.25
N LEU B 38 4.48 -27.24 -21.81
CA LEU B 38 3.50 -28.16 -21.27
C LEU B 38 2.37 -28.26 -22.27
N ASN B 39 1.57 -29.31 -22.15
CA ASN B 39 0.34 -29.40 -22.95
C ASN B 39 -0.67 -28.46 -22.33
N GLU B 40 -0.56 -27.19 -22.68
CA GLU B 40 -1.43 -26.13 -22.12
C GLU B 40 -2.24 -25.47 -23.19
N LEU B 41 -3.54 -25.55 -23.00
CA LEU B 41 -4.56 -25.01 -23.94
C LEU B 41 -4.24 -23.59 -24.37
N LEU B 42 -3.93 -23.48 -25.64
CA LEU B 42 -3.54 -22.22 -26.26
C LEU B 42 -4.72 -21.53 -26.93
N VAL B 43 -5.46 -22.32 -27.70
CA VAL B 43 -6.53 -21.78 -28.54
C VAL B 43 -7.92 -21.92 -27.91
N TYR B 44 -8.69 -20.84 -28.05
CA TYR B 44 -10.08 -20.76 -27.59
C TYR B 44 -10.97 -20.20 -28.69
N TYR B 45 -11.73 -21.08 -29.33
CA TYR B 45 -12.55 -20.68 -30.49
C TYR B 45 -13.76 -19.88 -30.03
N LEU B 46 -14.14 -18.90 -30.82
CA LEU B 46 -15.24 -17.99 -30.48
C LEU B 46 -16.51 -18.29 -31.27
N LYS B 47 -17.62 -18.29 -30.55
CA LYS B 47 -18.95 -18.51 -31.14
C LYS B 47 -19.48 -17.21 -31.70
N GLU B 48 -20.67 -17.28 -32.28
CA GLU B 48 -21.42 -16.08 -32.69
C GLU B 48 -21.76 -15.28 -31.45
N HIS B 49 -21.91 -16.02 -30.36
CA HIS B 49 -22.26 -15.45 -29.04
C HIS B 49 -21.51 -16.20 -27.92
N THR B 50 -20.36 -15.64 -27.53
CA THR B 50 -19.48 -16.28 -26.53
C THR B 50 -19.64 -15.66 -25.16
N LEU B 51 -20.03 -16.51 -24.21
CA LEU B 51 -20.13 -16.13 -22.79
C LEU B 51 -18.75 -16.36 -22.17
N ILE B 52 -18.28 -15.35 -21.47
CA ILE B 52 -16.98 -15.39 -20.78
C ILE B 52 -17.18 -15.04 -19.29
N GLY B 53 -16.70 -15.91 -18.43
CA GLY B 53 -16.90 -15.70 -16.98
C GLY B 53 -16.50 -16.89 -16.16
N SER B 54 -16.81 -16.86 -14.87
CA SER B 54 -16.38 -17.95 -14.00
C SER B 54 -17.44 -19.02 -13.88
N ALA B 55 -18.67 -18.69 -14.28
CA ALA B 55 -19.80 -19.66 -14.20
C ALA B 55 -19.58 -20.90 -15.09
N ASN B 56 -20.07 -22.02 -14.59
CA ASN B 56 -19.98 -23.31 -15.31
C ASN B 56 -20.62 -23.24 -16.69
N SER B 57 -21.61 -22.39 -16.77
CA SER B 57 -22.39 -22.16 -17.98
C SER B 57 -21.66 -21.39 -19.07
N GLN B 58 -20.45 -20.93 -18.80
CA GLN B 58 -19.75 -20.01 -19.72
C GLN B 58 -18.97 -20.78 -20.80
N ASP B 59 -18.95 -20.20 -21.98
CA ASP B 59 -18.25 -20.80 -23.15
C ASP B 59 -16.74 -20.79 -22.93
N ILE B 60 -16.27 -19.68 -22.37
CA ILE B 60 -14.90 -19.59 -21.86
C ILE B 60 -14.98 -19.34 -20.36
N GLN B 61 -14.52 -20.31 -19.61
CA GLN B 61 -14.62 -20.26 -18.16
C GLN B 61 -13.30 -19.78 -17.57
N LEU B 62 -13.34 -18.53 -17.15
CA LEU B 62 -12.22 -17.89 -16.49
C LEU B 62 -12.50 -17.76 -15.03
N CYS B 63 -11.64 -18.42 -14.29
CA CYS B 63 -11.60 -18.31 -12.84
C CYS B 63 -10.27 -17.67 -12.48
N GLY B 64 -10.33 -16.73 -11.58
CA GLY B 64 -9.18 -15.91 -11.29
C GLY B 64 -9.65 -14.67 -10.59
N MET B 65 -8.72 -14.04 -9.88
CA MET B 65 -9.03 -12.78 -9.22
C MET B 65 -9.60 -11.86 -10.27
N GLY B 66 -10.71 -11.24 -9.92
CA GLY B 66 -11.30 -10.19 -10.73
C GLY B 66 -12.40 -10.60 -11.67
N ILE B 67 -12.61 -11.90 -11.83
CA ILE B 67 -13.66 -12.39 -12.76
C ILE B 67 -15.00 -12.59 -12.06
N LEU B 68 -16.03 -12.06 -12.70
CA LEU B 68 -17.43 -12.31 -12.29
C LEU B 68 -17.97 -13.61 -12.93
N PRO B 69 -19.02 -14.20 -12.32
CA PRO B 69 -19.65 -15.44 -12.85
C PRO B 69 -20.03 -15.34 -14.30
N GLU B 70 -20.70 -14.25 -14.60
CA GLU B 70 -20.96 -13.79 -15.94
C GLU B 70 -20.21 -12.47 -16.12
N HIS B 71 -19.07 -12.54 -16.80
CA HIS B 71 -18.11 -11.44 -16.80
C HIS B 71 -18.25 -10.56 -18.03
N CYS B 72 -18.33 -11.23 -19.17
CA CYS B 72 -18.16 -10.60 -20.47
C CYS B 72 -18.86 -11.40 -21.59
N ILE B 73 -19.24 -10.69 -22.64
CA ILE B 73 -19.77 -11.32 -23.86
C ILE B 73 -19.05 -10.79 -25.10
N ILE B 74 -18.62 -11.72 -25.94
CA ILE B 74 -18.13 -11.41 -27.28
C ILE B 74 -19.11 -11.92 -28.35
N ASP B 75 -19.56 -10.98 -29.18
CA ASP B 75 -20.54 -11.24 -30.24
C ASP B 75 -19.96 -10.94 -31.61
N ILE B 76 -19.95 -11.95 -32.46
CA ILE B 76 -19.56 -11.81 -33.89
C ILE B 76 -20.78 -11.52 -34.78
N THR B 77 -20.52 -10.74 -35.82
CA THR B 77 -21.56 -10.24 -36.77
C THR B 77 -21.61 -11.07 -38.04
N SER B 78 -22.73 -10.98 -38.73
CA SER B 78 -22.94 -11.68 -40.02
C SER B 78 -22.04 -11.10 -41.11
N VAL B 82 -16.52 -8.00 -34.65
CA VAL B 82 -16.39 -8.53 -33.31
C VAL B 82 -16.67 -7.43 -32.30
N MET B 83 -17.56 -7.72 -31.36
CA MET B 83 -18.06 -6.73 -30.41
C MET B 83 -18.09 -7.27 -28.97
N LEU B 84 -17.24 -6.69 -28.14
CA LEU B 84 -17.10 -7.07 -26.72
C LEU B 84 -17.88 -6.13 -25.83
N THR B 85 -18.76 -6.71 -25.02
CA THR B 85 -19.57 -5.95 -24.06
C THR B 85 -19.32 -6.42 -22.61
N PRO B 86 -18.65 -5.58 -21.79
CA PRO B 86 -18.42 -5.93 -20.39
C PRO B 86 -19.61 -5.69 -19.46
N GLN B 87 -19.64 -6.48 -18.40
CA GLN B 87 -20.50 -6.17 -17.24
C GLN B 87 -20.03 -4.92 -16.54
N LYS B 88 -20.88 -4.43 -15.66
CA LYS B 88 -20.55 -3.24 -14.84
C LYS B 88 -19.59 -3.67 -13.74
N ASN B 89 -18.82 -2.70 -13.25
CA ASN B 89 -17.91 -2.89 -12.11
C ASN B 89 -16.77 -3.88 -12.35
N THR B 90 -16.54 -4.14 -13.63
CA THR B 90 -15.57 -5.15 -14.08
C THR B 90 -14.42 -4.51 -14.84
N ARG B 91 -13.21 -4.82 -14.38
CA ARG B 91 -11.98 -4.39 -15.07
C ARG B 91 -11.78 -5.14 -16.38
N THR B 92 -11.59 -4.35 -17.42
CA THR B 92 -11.28 -4.84 -18.76
C THR B 92 -10.38 -3.86 -19.50
N PHE B 93 -9.32 -4.38 -20.07
CA PHE B 93 -8.40 -3.57 -20.84
C PHE B 93 -8.28 -4.15 -22.21
N VAL B 94 -8.33 -3.26 -23.19
CA VAL B 94 -8.07 -3.61 -24.57
C VAL B 94 -6.88 -2.80 -25.05
N ASN B 95 -5.86 -3.50 -25.51
CA ASN B 95 -4.64 -2.85 -25.95
C ASN B 95 -4.18 -1.86 -24.87
N GLY B 96 -4.21 -2.35 -23.65
CA GLY B 96 -3.63 -1.67 -22.51
C GLY B 96 -4.42 -0.55 -21.88
N SER B 97 -5.56 -0.21 -22.45
CA SER B 97 -6.41 0.83 -21.86
C SER B 97 -7.80 0.32 -21.49
N SER B 98 -8.29 0.84 -20.38
CA SER B 98 -9.53 0.33 -19.78
C SER B 98 -10.72 0.61 -20.66
N VAL B 99 -11.62 -0.34 -20.62
CA VAL B 99 -12.85 -0.31 -21.37
C VAL B 99 -14.01 -0.61 -20.43
N SER B 100 -14.96 0.30 -20.40
CA SER B 100 -16.14 0.19 -19.53
C SER B 100 -17.45 0.14 -20.30
N SER B 101 -17.37 0.04 -21.62
CA SER B 101 -18.59 -0.03 -22.46
C SER B 101 -18.33 -0.77 -23.77
N PRO B 102 -19.38 -1.14 -24.51
CA PRO B 102 -19.17 -1.89 -25.76
C PRO B 102 -18.11 -1.31 -26.67
N ILE B 103 -17.29 -2.20 -27.20
CA ILE B 103 -16.20 -1.82 -28.09
C ILE B 103 -15.96 -2.88 -29.15
N GLN B 104 -15.57 -2.44 -30.34
CA GLN B 104 -15.25 -3.35 -31.45
C GLN B 104 -13.82 -3.81 -31.36
N LEU B 105 -13.65 -5.11 -31.51
CA LEU B 105 -12.34 -5.72 -31.51
C LEU B 105 -11.88 -5.92 -32.91
N HIS B 106 -10.60 -5.69 -33.10
CA HIS B 106 -9.93 -5.94 -34.36
C HIS B 106 -8.89 -7.01 -34.16
N HIS B 107 -8.41 -7.51 -35.28
CA HIS B 107 -7.39 -8.57 -35.27
C HIS B 107 -6.19 -8.10 -34.48
N GLY B 108 -5.63 -9.01 -33.70
CA GLY B 108 -4.39 -8.77 -32.95
C GLY B 108 -4.59 -7.92 -31.71
N ASP B 109 -5.83 -7.61 -31.41
CA ASP B 109 -6.19 -6.90 -30.17
C ASP B 109 -5.86 -7.78 -29.00
N ARG B 110 -5.37 -7.15 -27.95
CA ARG B 110 -5.10 -7.83 -26.68
C ARG B 110 -6.07 -7.43 -25.60
N ILE B 111 -6.57 -8.47 -24.94
CA ILE B 111 -7.57 -8.35 -23.89
C ILE B 111 -7.03 -8.84 -22.58
N LEU B 112 -7.18 -8.01 -21.56
CA LEU B 112 -6.97 -8.41 -20.16
C LEU B 112 -8.29 -8.38 -19.38
N TRP B 113 -8.64 -9.52 -18.87
CA TRP B 113 -9.77 -9.66 -17.98
C TRP B 113 -9.29 -9.99 -16.59
N GLY B 114 -9.88 -9.32 -15.63
CA GLY B 114 -9.49 -9.49 -14.23
C GLY B 114 -8.01 -9.29 -14.08
N ASN B 115 -7.44 -10.05 -13.16
CA ASN B 115 -6.05 -9.86 -12.72
C ASN B 115 -5.01 -10.26 -13.76
N ASN B 116 -5.21 -11.40 -14.38
CA ASN B 116 -4.21 -11.96 -15.32
C ASN B 116 -4.77 -12.91 -16.36
N HIS B 117 -6.00 -12.67 -16.79
CA HIS B 117 -6.55 -13.38 -17.98
C HIS B 117 -6.29 -12.56 -19.24
N PHE B 118 -5.23 -12.98 -19.92
CA PHE B 118 -4.55 -12.19 -20.96
C PHE B 118 -4.50 -12.96 -22.28
N PHE B 119 -5.25 -12.43 -23.23
CA PHE B 119 -5.49 -13.09 -24.51
C PHE B 119 -5.24 -12.18 -25.69
N ARG B 120 -5.00 -12.81 -26.82
CA ARG B 120 -4.90 -12.13 -28.11
C ARG B 120 -6.00 -12.63 -29.04
N LEU B 121 -6.63 -11.68 -29.70
CA LEU B 121 -7.70 -11.96 -30.67
C LEU B 121 -7.12 -12.24 -32.03
N ASN B 122 -7.57 -13.34 -32.59
CA ASN B 122 -7.22 -13.72 -33.96
C ASN B 122 -8.49 -13.78 -34.81
N LEU B 123 -8.60 -12.85 -35.74
CA LEU B 123 -9.65 -12.88 -36.78
C LEU B 123 -9.09 -13.48 -38.10
N PRO B 124 -9.88 -14.34 -38.76
CA PRO B 124 -9.37 -15.02 -39.96
C PRO B 124 -9.33 -14.13 -41.21
N HIS C 6 -46.71 -11.04 -8.93
CA HIS C 6 -47.02 -10.46 -10.26
C HIS C 6 -47.53 -9.03 -10.12
N HIS C 7 -48.59 -8.72 -10.87
CA HIS C 7 -49.13 -7.37 -10.98
C HIS C 7 -50.58 -7.31 -10.53
N SER C 8 -51.12 -6.10 -10.51
CA SER C 8 -52.56 -5.86 -10.25
C SER C 8 -53.27 -5.51 -11.55
N SER C 9 -54.59 -5.60 -11.49
CA SER C 9 -55.45 -5.42 -12.67
C SER C 9 -55.94 -3.98 -12.83
N GLY C 10 -55.53 -3.36 -13.92
CA GLY C 10 -55.96 -2.00 -14.26
C GLY C 10 -54.82 -1.07 -14.61
N ARG C 11 -55.16 0.22 -14.64
CA ARG C 11 -54.19 1.27 -15.01
C ARG C 11 -53.05 1.37 -13.99
N GLU C 12 -53.36 1.10 -12.74
CA GLU C 12 -52.38 1.15 -11.65
C GLU C 12 -51.29 0.12 -11.86
N ASN C 13 -51.73 -1.09 -12.18
CA ASN C 13 -50.85 -2.21 -12.49
C ASN C 13 -49.66 -2.30 -11.51
N LEU C 14 -50.00 -2.54 -10.25
CA LEU C 14 -49.02 -2.54 -9.16
C LEU C 14 -48.26 -3.84 -9.14
N TYR C 15 -46.95 -3.71 -8.95
CA TYR C 15 -46.09 -4.86 -8.77
C TYR C 15 -46.02 -5.21 -7.29
N PHE C 16 -46.18 -6.49 -7.00
CA PHE C 16 -46.07 -7.02 -5.64
C PHE C 16 -44.90 -7.97 -5.55
N GLN C 17 -44.07 -7.72 -4.56
CA GLN C 17 -42.83 -8.46 -4.42
C GLN C 17 -43.00 -9.74 -3.63
N GLY C 18 -43.60 -9.60 -2.46
CA GLY C 18 -43.82 -10.72 -1.53
C GLY C 18 -42.70 -10.94 -0.52
N MET C 19 -42.89 -11.95 0.32
CA MET C 19 -41.98 -12.26 1.46
C MET C 19 -40.86 -13.26 1.16
N ALA C 20 -40.62 -13.55 -0.11
CA ALA C 20 -39.84 -14.74 -0.47
C ALA C 20 -38.45 -14.77 0.20
N LYS C 21 -37.73 -13.66 0.07
CA LYS C 21 -36.34 -13.54 0.56
C LYS C 21 -35.49 -14.77 0.21
N GLU C 22 -35.65 -15.21 -1.02
CA GLU C 22 -34.99 -16.43 -1.55
C GLU C 22 -33.44 -16.32 -1.60
N ARG C 23 -32.96 -15.14 -1.98
CA ARG C 23 -31.51 -14.90 -2.13
C ARG C 23 -30.75 -14.90 -0.80
N ARG C 24 -31.28 -14.17 0.18
CA ARG C 24 -30.83 -14.26 1.58
C ARG C 24 -30.82 -15.67 2.10
N ARG C 25 -31.90 -16.37 1.81
CA ARG C 25 -32.05 -17.81 2.18
C ARG C 25 -30.90 -18.66 1.62
N ALA C 26 -30.59 -18.44 0.35
CA ALA C 26 -29.49 -19.18 -0.32
C ALA C 26 -28.13 -18.88 0.35
N VAL C 27 -27.87 -17.60 0.61
CA VAL C 27 -26.58 -17.18 1.25
C VAL C 27 -26.42 -17.73 2.63
N LEU C 28 -27.56 -17.92 3.28
CA LEU C 28 -27.55 -18.40 4.66
C LEU C 28 -27.08 -19.85 4.69
N GLU C 29 -27.54 -20.62 3.72
CA GLU C 29 -27.12 -22.01 3.59
C GLU C 29 -25.61 -22.13 3.36
N LEU C 30 -25.05 -21.17 2.63
CA LEU C 30 -23.60 -21.13 2.39
C LEU C 30 -22.78 -21.11 3.68
N LEU C 31 -23.37 -20.61 4.76
CA LEU C 31 -22.71 -20.59 6.10
C LEU C 31 -22.43 -21.96 6.70
N GLN C 32 -23.13 -22.93 6.15
CA GLN C 32 -23.01 -24.30 6.62
C GLN C 32 -21.86 -25.06 5.95
N ARG C 33 -21.33 -24.49 4.88
CA ARG C 33 -20.26 -25.11 4.10
C ARG C 33 -18.94 -25.18 4.85
N PRO C 34 -18.12 -26.18 4.50
CA PRO C 34 -16.79 -26.29 5.09
C PRO C 34 -15.95 -25.03 4.89
N GLY C 35 -15.29 -24.64 5.96
CA GLY C 35 -14.45 -23.47 5.99
C GLY C 35 -15.13 -22.17 6.36
N ASN C 36 -16.46 -22.15 6.38
CA ASN C 36 -17.23 -20.91 6.61
C ASN C 36 -17.75 -20.76 8.04
N ALA C 37 -17.24 -21.57 8.94
CA ALA C 37 -17.78 -21.64 10.31
C ALA C 37 -17.37 -20.48 11.21
N ARG C 38 -16.28 -19.82 10.80
CA ARG C 38 -15.60 -18.77 11.55
C ARG C 38 -15.33 -17.58 10.67
N CYS C 39 -15.19 -16.42 11.32
CA CYS C 39 -14.90 -15.17 10.60
C CYS C 39 -13.59 -15.34 9.85
N ALA C 40 -13.60 -14.99 8.57
CA ALA C 40 -12.43 -15.17 7.69
C ALA C 40 -11.16 -14.47 8.19
N ASP C 41 -11.39 -13.41 8.95
CA ASP C 41 -10.34 -12.45 9.28
C ASP C 41 -9.80 -12.60 10.68
N CYS C 42 -10.68 -12.75 11.67
CA CYS C 42 -10.28 -12.85 13.08
C CYS C 42 -10.56 -14.20 13.75
N GLY C 43 -11.34 -15.04 13.08
CA GLY C 43 -11.61 -16.38 13.59
C GLY C 43 -12.78 -16.50 14.52
N ALA C 44 -13.52 -15.42 14.74
CA ALA C 44 -14.72 -15.48 15.64
C ALA C 44 -15.77 -16.45 15.08
N PRO C 45 -16.33 -17.31 15.95
CA PRO C 45 -17.38 -18.23 15.48
C PRO C 45 -18.66 -17.56 14.98
N ASP C 46 -19.28 -18.22 14.03
CA ASP C 46 -20.63 -17.81 13.56
C ASP C 46 -20.70 -16.43 12.91
N PRO C 47 -19.97 -16.23 11.81
CA PRO C 47 -20.06 -14.98 11.08
C PRO C 47 -21.43 -14.75 10.44
N ASP C 48 -21.86 -13.50 10.49
CA ASP C 48 -23.21 -13.11 10.04
C ASP C 48 -23.19 -11.95 9.05
N TRP C 49 -21.99 -11.58 8.62
CA TRP C 49 -21.78 -10.63 7.52
C TRP C 49 -20.94 -11.28 6.44
N ALA C 50 -20.94 -10.61 5.31
CA ALA C 50 -20.27 -11.06 4.10
C ALA C 50 -19.74 -9.88 3.32
N SER C 51 -18.57 -10.05 2.73
CA SER C 51 -18.09 -9.19 1.69
C SER C 51 -18.42 -9.90 0.39
N TYR C 52 -19.23 -9.28 -0.45
CA TYR C 52 -19.71 -9.94 -1.67
C TYR C 52 -18.79 -9.71 -2.86
N THR C 53 -17.83 -8.82 -2.70
CA THR C 53 -16.76 -8.67 -3.70
C THR C 53 -15.54 -9.52 -3.40
N LEU C 54 -15.32 -9.85 -2.13
CA LEU C 54 -14.22 -10.73 -1.73
C LEU C 54 -14.67 -12.20 -1.52
N GLY C 55 -15.96 -12.37 -1.35
CA GLY C 55 -16.54 -13.69 -1.19
C GLY C 55 -16.19 -14.35 0.11
N VAL C 56 -16.15 -13.53 1.15
CA VAL C 56 -15.87 -14.01 2.50
C VAL C 56 -17.02 -13.75 3.47
N PHE C 57 -17.02 -14.57 4.51
CA PHE C 57 -17.93 -14.49 5.63
C PHE C 57 -17.15 -14.05 6.85
N ILE C 58 -17.67 -12.99 7.43
CA ILE C 58 -16.97 -12.22 8.48
C ILE C 58 -17.91 -11.82 9.60
N CYS C 59 -17.32 -11.52 10.75
CA CYS C 59 -18.06 -11.03 11.91
C CYS C 59 -18.42 -9.54 11.75
N LEU C 60 -19.26 -9.09 12.69
CA LEU C 60 -19.76 -7.71 12.72
C LEU C 60 -18.64 -6.69 12.80
N SER C 61 -17.71 -6.94 13.71
CA SER C 61 -16.57 -6.04 13.93
C SER C 61 -15.69 -5.92 12.69
N CYS C 62 -15.43 -7.05 12.06
CA CYS C 62 -14.58 -7.08 10.87
C CYS C 62 -15.28 -6.44 9.72
N SER C 63 -16.60 -6.61 9.64
CA SER C 63 -17.39 -5.95 8.58
C SER C 63 -17.28 -4.42 8.62
N GLY C 64 -17.24 -3.86 9.81
CA GLY C 64 -16.98 -2.42 10.02
C GLY C 64 -15.64 -1.97 9.45
N ILE C 65 -14.62 -2.80 9.59
CA ILE C 65 -13.30 -2.50 8.98
C ILE C 65 -13.37 -2.63 7.46
N HIS C 66 -14.00 -3.68 6.98
CA HIS C 66 -14.27 -3.86 5.53
C HIS C 66 -14.98 -2.67 4.86
N ARG C 67 -15.83 -2.02 5.65
CA ARG C 67 -16.55 -0.80 5.21
C ARG C 67 -15.65 0.41 4.96
N ASN C 68 -14.55 0.47 5.67
CA ASN C 68 -13.52 1.51 5.46
C ASN C 68 -12.73 1.32 4.19
N ILE C 69 -12.98 0.24 3.47
CA ILE C 69 -12.20 -0.08 2.26
C ILE C 69 -13.11 -0.39 1.09
N PRO C 70 -14.01 0.56 0.74
CA PRO C 70 -15.08 0.33 -0.24
C PRO C 70 -14.61 -0.08 -1.63
N GLN C 71 -13.41 0.33 -1.98
CA GLN C 71 -12.81 0.03 -3.30
C GLN C 71 -12.44 -1.44 -3.44
N VAL C 72 -12.35 -2.09 -2.29
CA VAL C 72 -11.97 -3.51 -2.24
C VAL C 72 -13.15 -4.41 -1.78
N SER C 73 -13.86 -3.95 -0.78
CA SER C 73 -14.91 -4.73 -0.08
C SER C 73 -16.24 -3.98 0.07
N LYS C 74 -17.29 -4.64 -0.37
CA LYS C 74 -18.66 -4.21 -0.08
C LYS C 74 -19.32 -5.32 0.69
N VAL C 75 -19.93 -4.90 1.76
CA VAL C 75 -20.45 -5.78 2.80
C VAL C 75 -21.97 -5.72 2.90
N LYS C 76 -22.53 -6.90 3.11
CA LYS C 76 -23.94 -7.13 3.42
C LYS C 76 -24.08 -8.06 4.60
N SER C 77 -25.11 -7.77 5.37
CA SER C 77 -25.59 -8.67 6.41
C SER C 77 -26.21 -9.82 5.67
N VAL C 78 -25.95 -11.02 6.16
CA VAL C 78 -26.48 -12.24 5.57
C VAL C 78 -28.01 -12.27 5.71
N ARG C 79 -28.51 -11.77 6.83
CA ARG C 79 -29.96 -11.76 7.15
C ARG C 79 -30.67 -10.44 6.93
N LEU C 80 -29.99 -9.36 7.22
CA LEU C 80 -30.67 -8.07 7.31
C LEU C 80 -30.63 -7.30 6.05
N ASP C 81 -29.89 -7.84 5.08
CA ASP C 81 -29.73 -7.16 3.78
C ASP C 81 -30.38 -8.01 2.69
N ALA C 82 -30.85 -7.31 1.67
CA ALA C 82 -31.35 -7.89 0.42
C ALA C 82 -30.14 -8.13 -0.45
N TRP C 83 -30.22 -9.24 -1.18
CA TRP C 83 -29.13 -9.72 -2.03
C TRP C 83 -29.56 -9.84 -3.48
N GLU C 84 -28.61 -9.59 -4.36
CA GLU C 84 -28.79 -9.83 -5.79
C GLU C 84 -28.25 -11.23 -6.09
N GLU C 85 -28.77 -11.81 -7.16
CA GLU C 85 -28.41 -13.21 -7.56
C GLU C 85 -26.92 -13.41 -7.81
N ALA C 86 -26.36 -12.46 -8.53
CA ALA C 86 -24.94 -12.46 -8.91
C ALA C 86 -24.07 -12.43 -7.66
N GLN C 87 -24.53 -11.69 -6.68
CA GLN C 87 -23.86 -11.61 -5.35
C GLN C 87 -23.89 -12.92 -4.59
N VAL C 88 -25.03 -13.59 -4.67
CA VAL C 88 -25.16 -14.91 -4.04
C VAL C 88 -24.25 -15.89 -4.76
N GLU C 89 -24.19 -15.71 -6.07
CA GLU C 89 -23.44 -16.63 -6.95
C GLU C 89 -21.96 -16.49 -6.69
N PHE C 90 -21.51 -15.23 -6.58
CA PHE C 90 -20.13 -14.94 -6.15
C PHE C 90 -19.80 -15.65 -4.84
N MET C 91 -20.64 -15.48 -3.83
CA MET C 91 -20.40 -16.18 -2.53
C MET C 91 -20.33 -17.72 -2.70
N ALA C 92 -21.21 -18.25 -3.56
CA ALA C 92 -21.33 -19.72 -3.77
C ALA C 92 -20.07 -20.29 -4.40
N SER C 93 -19.48 -19.52 -5.31
CA SER C 93 -18.25 -19.93 -5.99
C SER C 93 -16.96 -19.58 -5.24
N HIS C 94 -17.11 -18.98 -4.07
CA HIS C 94 -15.98 -18.52 -3.26
C HIS C 94 -16.04 -19.02 -1.84
N GLY C 95 -16.07 -18.09 -0.88
CA GLY C 95 -16.07 -18.45 0.54
C GLY C 95 -14.71 -18.35 1.19
N ASN C 96 -14.66 -18.76 2.44
CA ASN C 96 -13.49 -18.45 3.29
C ASN C 96 -12.25 -19.28 2.92
N ASP C 97 -12.50 -20.53 2.54
CA ASP C 97 -11.42 -21.48 2.11
C ASP C 97 -10.75 -20.99 0.86
N ALA C 98 -11.59 -20.58 -0.08
CA ALA C 98 -11.12 -19.98 -1.35
C ALA C 98 -10.32 -18.73 -1.13
N ALA C 99 -10.74 -17.96 -0.15
CA ALA C 99 -10.03 -16.70 0.18
C ALA C 99 -8.70 -16.96 0.89
N ARG C 100 -8.66 -18.00 1.72
CA ARG C 100 -7.38 -18.42 2.28
C ARG C 100 -6.35 -18.75 1.20
N ALA C 101 -6.75 -19.50 0.19
CA ALA C 101 -5.78 -19.93 -0.84
C ALA C 101 -5.34 -18.77 -1.69
N ARG C 102 -6.25 -17.83 -1.89
CA ARG C 102 -5.96 -16.66 -2.73
C ARG C 102 -5.18 -15.59 -1.97
N PHE C 103 -5.74 -15.15 -0.85
CA PHE C 103 -5.19 -13.99 -0.08
C PHE C 103 -4.21 -14.35 1.06
N GLU C 104 -4.23 -15.61 1.47
CA GLU C 104 -3.35 -16.10 2.53
C GLU C 104 -2.37 -17.13 1.98
N SER C 105 -2.12 -16.97 0.72
CA SER C 105 -1.29 -17.92 -0.04
C SER C 105 0.14 -17.99 0.48
N LYS C 106 0.73 -16.82 0.74
CA LYS C 106 2.14 -16.72 1.16
C LYS C 106 2.34 -15.88 2.40
N VAL C 107 1.76 -16.33 3.49
CA VAL C 107 1.91 -15.63 4.75
C VAL C 107 3.10 -16.22 5.46
N PRO C 108 4.10 -15.39 5.79
CA PRO C 108 5.22 -15.95 6.52
C PRO C 108 4.81 -16.48 7.86
N SER C 109 5.49 -17.55 8.23
CA SER C 109 5.08 -18.32 9.41
C SER C 109 5.20 -17.51 10.71
N PHE C 110 6.12 -16.55 10.70
CA PHE C 110 6.32 -15.66 11.86
C PHE C 110 5.32 -14.49 11.93
N TYR C 111 4.58 -14.29 10.87
CA TYR C 111 3.65 -13.15 10.76
C TYR C 111 2.47 -13.33 11.74
N TYR C 112 2.28 -12.34 12.59
CA TYR C 112 1.15 -12.31 13.55
C TYR C 112 -0.27 -12.24 12.93
N ARG C 113 -1.06 -13.23 13.32
CA ARG C 113 -2.47 -13.33 12.92
C ARG C 113 -3.36 -12.94 14.08
N PRO C 114 -4.15 -11.87 13.94
CA PRO C 114 -4.95 -11.42 15.10
C PRO C 114 -6.13 -12.30 15.50
N THR C 115 -6.47 -12.19 16.77
CA THR C 115 -7.66 -12.84 17.35
C THR C 115 -8.68 -11.75 17.69
N PRO C 116 -9.92 -12.13 18.06
CA PRO C 116 -10.95 -11.11 18.29
C PRO C 116 -10.64 -10.07 19.37
N SER C 117 -9.87 -10.44 20.39
CA SER C 117 -9.54 -9.49 21.47
C SER C 117 -8.38 -8.54 21.20
N ASP C 118 -7.67 -8.77 20.11
CA ASP C 118 -6.59 -7.87 19.70
C ASP C 118 -7.15 -6.49 19.43
N CYS C 119 -6.27 -5.51 19.52
CA CYS C 119 -6.65 -4.11 19.22
C CYS C 119 -7.01 -3.92 17.76
N GLN C 120 -7.71 -2.83 17.54
CA GLN C 120 -8.24 -2.45 16.23
C GLN C 120 -7.16 -2.40 15.16
N LEU C 121 -6.02 -1.81 15.51
CA LEU C 121 -4.90 -1.65 14.58
C LEU C 121 -4.50 -3.00 13.98
N LEU C 122 -4.34 -4.00 14.82
CA LEU C 122 -3.93 -5.34 14.36
C LEU C 122 -4.93 -5.99 13.41
N ARG C 123 -6.19 -5.87 13.79
CA ARG C 123 -7.30 -6.45 13.03
C ARG C 123 -7.48 -5.74 11.71
N GLU C 124 -7.41 -4.42 11.76
CA GLU C 124 -7.53 -3.60 10.56
C GLU C 124 -6.36 -3.80 9.58
N GLN C 125 -5.16 -3.81 10.11
CA GLN C 125 -3.95 -4.00 9.28
C GLN C 125 -3.86 -5.41 8.65
N TRP C 126 -4.43 -6.38 9.33
CA TRP C 126 -4.49 -7.75 8.84
C TRP C 126 -5.41 -7.81 7.64
N ILE C 127 -6.58 -7.18 7.78
CA ILE C 127 -7.54 -7.10 6.69
C ILE C 127 -6.97 -6.30 5.53
N ARG C 128 -6.29 -5.20 5.83
CA ARG C 128 -5.68 -4.37 4.79
C ARG C 128 -4.52 -5.08 4.06
N ALA C 129 -3.65 -5.74 4.81
CA ALA C 129 -2.53 -6.49 4.21
C ALA C 129 -3.02 -7.56 3.24
N LYS C 130 -4.05 -8.29 3.65
CA LYS C 130 -4.59 -9.42 2.87
C LYS C 130 -5.25 -8.98 1.60
N TYR C 131 -6.24 -8.09 1.76
CA TYR C 131 -7.16 -7.72 0.65
C TYR C 131 -6.81 -6.47 -0.10
N GLU C 132 -6.29 -5.50 0.61
CA GLU C 132 -6.05 -4.19 -0.01
C GLU C 132 -4.68 -4.15 -0.65
N ARG C 133 -3.65 -4.40 0.14
CA ARG C 133 -2.25 -4.43 -0.37
C ARG C 133 -1.93 -5.73 -1.10
N GLN C 134 -2.65 -6.76 -0.72
CA GLN C 134 -2.45 -8.11 -1.24
C GLN C 134 -1.01 -8.60 -0.97
N GLU C 135 -0.60 -8.33 0.27
CA GLU C 135 0.76 -8.63 0.75
C GLU C 135 1.18 -10.09 0.66
N PHE C 136 0.19 -10.97 0.66
CA PHE C 136 0.42 -12.39 0.76
C PHE C 136 0.10 -13.09 -0.54
N ILE C 137 -0.15 -12.28 -1.56
CA ILE C 137 -0.20 -12.74 -2.93
C ILE C 137 1.13 -12.49 -3.62
N TYR C 138 1.68 -11.32 -3.37
CA TYR C 138 2.94 -10.86 -4.02
C TYR C 138 4.02 -10.69 -2.97
N PRO C 139 4.92 -11.68 -2.86
CA PRO C 139 5.90 -11.70 -1.75
C PRO C 139 6.91 -10.52 -1.68
N GLU C 140 7.06 -9.81 -2.79
CA GLU C 140 7.81 -8.52 -2.85
C GLU C 140 7.36 -7.52 -1.78
N LYS C 141 6.07 -7.54 -1.53
CA LYS C 141 5.43 -6.58 -0.62
C LYS C 141 5.80 -6.86 0.81
N GLN C 142 6.44 -8.01 1.02
CA GLN C 142 6.78 -8.44 2.38
C GLN C 142 8.16 -8.01 2.82
N GLU C 143 8.85 -7.30 1.95
CA GLU C 143 10.24 -6.84 2.22
C GLU C 143 10.49 -6.05 3.52
N PRO C 144 9.54 -5.19 3.95
CA PRO C 144 9.75 -4.40 5.19
C PRO C 144 10.15 -5.21 6.43
N TYR C 145 9.61 -6.41 6.51
CA TYR C 145 9.80 -7.31 7.66
C TYR C 145 10.52 -8.59 7.32
N SER C 146 10.94 -8.72 6.06
CA SER C 146 11.63 -9.94 5.59
C SER C 146 13.10 -9.77 5.21
N ALA C 147 13.61 -8.56 5.32
CA ALA C 147 14.99 -8.28 4.90
C ALA C 147 16.02 -8.51 5.98
N GLY C 148 15.58 -8.68 7.22
CA GLY C 148 16.49 -8.88 8.36
C GLY C 148 17.17 -7.62 8.84
N TYR C 149 16.75 -6.52 8.27
CA TYR C 149 17.27 -5.22 8.62
C TYR C 149 16.18 -4.21 8.43
N ARG C 150 15.98 -3.35 9.41
CA ARG C 150 15.01 -2.23 9.30
C ARG C 150 15.50 -1.05 10.13
N GLU C 151 15.39 0.14 9.57
CA GLU C 151 15.63 1.32 10.38
C GLU C 151 14.59 2.38 10.14
N GLY C 152 14.42 3.22 11.13
CA GLY C 152 13.50 4.35 11.00
C GLY C 152 13.19 5.01 12.31
N PHE C 153 12.60 6.16 12.20
CA PHE C 153 12.27 6.96 13.38
C PHE C 153 10.97 6.51 14.01
N LEU C 154 10.98 6.40 15.32
CA LEU C 154 9.79 6.11 16.13
C LEU C 154 9.67 7.10 17.27
N TRP C 155 8.43 7.35 17.68
CA TRP C 155 8.15 8.25 18.78
C TRP C 155 8.17 7.45 20.06
N LYS C 156 9.18 7.72 20.87
CA LYS C 156 9.49 6.96 22.06
C LYS C 156 9.32 7.79 23.32
N ARG C 157 8.72 7.17 24.33
CA ARG C 157 8.54 7.82 25.63
C ARG C 157 9.86 7.93 26.41
N GLY C 158 10.20 9.16 26.77
CA GLY C 158 11.34 9.44 27.62
C GLY C 158 11.16 8.79 28.97
N ARG C 159 12.24 8.17 29.41
CA ARG C 159 12.23 7.20 30.54
C ARG C 159 11.53 7.67 31.81
N ASP C 160 11.89 8.85 32.27
CA ASP C 160 11.29 9.38 33.50
C ASP C 160 10.30 10.50 33.20
N ASN C 161 10.61 11.25 32.14
CA ASN C 161 9.92 12.55 31.82
C ASN C 161 8.58 12.39 31.07
N GLY C 162 8.41 11.22 30.47
CA GLY C 162 7.11 10.80 29.93
C GLY C 162 6.72 11.43 28.61
N GLN C 163 7.61 12.23 28.04
CA GLN C 163 7.39 12.80 26.72
C GLN C 163 7.75 11.76 25.66
N PHE C 164 6.98 11.74 24.59
CA PHE C 164 7.30 10.88 23.42
C PHE C 164 7.98 11.72 22.38
N LEU C 165 9.22 11.36 22.09
CA LEU C 165 10.06 12.12 21.16
C LEU C 165 10.62 11.21 20.05
N SER C 166 10.88 11.79 18.90
CA SER C 166 11.28 11.01 17.70
C SER C 166 12.75 10.61 17.76
N ARG C 167 13.00 9.30 17.72
CA ARG C 167 14.36 8.74 17.82
C ARG C 167 14.58 7.63 16.79
N LYS C 168 15.81 7.49 16.33
CA LYS C 168 16.12 6.45 15.34
C LYS C 168 16.22 5.07 15.95
N PHE C 169 15.54 4.13 15.30
CA PHE C 169 15.63 2.72 15.63
C PHE C 169 16.24 1.95 14.46
N VAL C 170 16.97 0.90 14.81
CA VAL C 170 17.56 -0.02 13.84
C VAL C 170 17.40 -1.41 14.39
N LEU C 171 16.71 -2.25 13.63
CA LEU C 171 16.64 -3.67 13.94
C LEU C 171 17.50 -4.39 12.92
N THR C 172 18.46 -5.12 13.43
CA THR C 172 19.44 -5.81 12.59
C THR C 172 19.58 -7.24 13.05
N GLU C 173 19.24 -8.16 12.16
CA GLU C 173 19.37 -9.58 12.47
C GLU C 173 20.85 -10.02 12.46
N ARG C 174 21.63 -9.33 11.64
CA ARG C 174 23.08 -9.58 11.50
C ARG C 174 23.73 -9.55 12.87
N GLU C 175 23.48 -8.46 13.57
CA GLU C 175 24.01 -8.25 14.95
C GLU C 175 23.08 -8.79 16.03
N GLY C 176 21.90 -9.25 15.62
CA GLY C 176 20.88 -9.81 16.55
C GLY C 176 20.36 -8.84 17.61
N ALA C 177 20.10 -7.63 17.18
CA ALA C 177 19.76 -6.59 18.14
C ALA C 177 18.81 -5.55 17.60
N LEU C 178 18.07 -4.98 18.54
CA LEU C 178 17.33 -3.74 18.35
C LEU C 178 18.09 -2.63 19.06
N LYS C 179 18.35 -1.56 18.34
CA LYS C 179 18.96 -0.39 18.95
C LYS C 179 18.26 0.88 18.59
N TYR C 180 18.48 1.84 19.45
CA TYR C 180 18.07 3.19 19.15
C TYR C 180 19.16 4.19 19.55
N PHE C 181 19.02 5.35 18.95
CA PHE C 181 19.95 6.45 19.06
C PHE C 181 19.26 7.62 19.76
N ASN C 182 20.05 8.49 20.36
CA ASN C 182 19.51 9.70 21.04
C ASN C 182 19.37 10.85 20.08
N ARG C 183 18.91 11.99 20.60
CA ARG C 183 18.76 13.22 19.80
C ARG C 183 20.12 13.63 19.21
N GLU C 188 27.21 6.23 17.57
CA GLU C 188 27.05 5.19 18.59
C GLU C 188 25.62 5.18 19.16
N PRO C 189 24.99 3.99 19.27
CA PRO C 189 23.62 3.92 19.79
C PRO C 189 23.53 4.21 21.28
N LYS C 190 22.34 4.66 21.67
CA LYS C 190 22.00 4.93 23.08
C LYS C 190 21.74 3.63 23.79
N ALA C 191 21.22 2.66 23.05
CA ALA C 191 20.90 1.33 23.60
C ALA C 191 20.96 0.27 22.53
N VAL C 192 21.45 -0.89 22.93
CA VAL C 192 21.50 -2.07 22.08
C VAL C 192 20.88 -3.19 22.88
N MET C 193 19.84 -3.78 22.31
CA MET C 193 19.06 -4.80 22.99
C MET C 193 19.00 -6.09 22.18
N LYS C 194 19.61 -7.12 22.77
CA LYS C 194 19.63 -8.49 22.20
C LYS C 194 18.22 -9.01 21.99
N ILE C 195 18.01 -9.54 20.81
CA ILE C 195 16.69 -10.09 20.39
C ILE C 195 16.21 -11.22 21.33
N GLU C 196 17.16 -11.97 21.85
CA GLU C 196 16.93 -13.00 22.87
C GLU C 196 16.07 -12.50 24.03
N HIS C 197 16.31 -11.25 24.36
CA HIS C 197 15.75 -10.62 25.55
C HIS C 197 14.58 -9.67 25.28
N LEU C 198 14.19 -9.58 24.01
CA LEU C 198 13.08 -8.67 23.61
C LEU C 198 11.72 -9.38 23.56
N ASN C 199 10.72 -8.63 24.01
CA ASN C 199 9.32 -8.96 23.72
C ASN C 199 8.61 -7.70 23.25
N ALA C 200 7.58 -7.89 22.45
CA ALA C 200 6.75 -6.77 21.94
C ALA C 200 5.26 -7.09 22.03
N THR C 201 4.53 -6.11 22.49
CA THR C 201 3.10 -6.26 22.68
C THR C 201 2.42 -4.94 22.45
N PHE C 202 1.41 -4.96 21.60
CA PHE C 202 0.56 -3.77 21.34
C PHE C 202 -0.25 -3.45 22.55
N GLN C 203 -0.15 -2.19 22.97
CA GLN C 203 -0.77 -1.71 24.22
C GLN C 203 -1.38 -0.33 23.99
N PRO C 204 -2.34 -0.24 23.07
CA PRO C 204 -2.82 1.10 22.70
C PRO C 204 -3.54 1.87 23.82
N ALA C 205 -4.26 1.17 24.66
CA ALA C 205 -5.00 1.79 25.80
C ALA C 205 -4.07 2.30 26.88
N LYS C 206 -3.07 1.49 27.20
CA LYS C 206 -2.06 1.84 28.22
C LYS C 206 -1.24 3.08 27.81
N ILE C 207 -0.79 3.03 26.57
CA ILE C 207 0.08 4.06 25.98
C ILE C 207 -0.74 5.28 25.61
N GLY C 208 -2.03 5.04 25.41
CA GLY C 208 -3.00 6.09 25.07
C GLY C 208 -2.92 6.52 23.64
N HIS C 209 -2.36 5.62 22.82
CA HIS C 209 -2.19 5.85 21.39
C HIS C 209 -2.61 4.60 20.57
N PRO C 210 -3.35 4.77 19.45
CA PRO C 210 -3.83 3.60 18.67
C PRO C 210 -2.73 2.69 18.11
N HIS C 211 -1.56 3.29 17.94
CA HIS C 211 -0.40 2.65 17.35
C HIS C 211 0.68 2.36 18.38
N GLY C 212 0.27 2.29 19.64
CA GLY C 212 1.17 2.11 20.76
C GLY C 212 1.66 0.69 20.92
N LEU C 213 2.97 0.55 20.92
CA LEU C 213 3.63 -0.74 21.04
C LEU C 213 4.59 -0.70 22.24
N GLN C 214 4.44 -1.72 23.07
CA GLN C 214 5.32 -1.91 24.23
C GLN C 214 6.40 -2.91 23.85
N VAL C 215 7.64 -2.48 24.00
CA VAL C 215 8.79 -3.38 23.82
C VAL C 215 9.43 -3.49 25.21
N THR C 216 9.60 -4.71 25.63
CA THR C 216 10.27 -4.97 26.90
C THR C 216 11.62 -5.64 26.67
N TYR C 217 12.53 -5.30 27.56
CA TYR C 217 13.88 -5.80 27.49
C TYR C 217 14.33 -6.35 28.85
N LEU C 218 14.51 -7.64 28.91
CA LEU C 218 14.88 -8.30 30.16
C LEU C 218 16.40 -8.52 30.23
N LYS C 219 17.02 -7.78 31.13
CA LYS C 219 18.45 -7.91 31.41
C LYS C 219 18.69 -8.01 32.91
N ASP C 220 19.34 -9.11 33.29
CA ASP C 220 19.77 -9.36 34.68
C ASP C 220 18.58 -9.42 35.63
N ASN C 221 17.55 -10.14 35.17
CA ASN C 221 16.28 -10.32 35.92
C ASN C 221 15.48 -9.03 36.17
N SER C 222 15.78 -8.03 35.37
CA SER C 222 15.10 -6.74 35.44
C SER C 222 14.60 -6.36 34.06
N THR C 223 13.32 -6.06 33.98
CA THR C 223 12.68 -5.75 32.70
C THR C 223 12.48 -4.26 32.52
N ARG C 224 13.04 -3.79 31.42
CA ARG C 224 12.90 -2.40 31.02
C ARG C 224 11.73 -2.28 30.02
N ASN C 225 10.80 -1.41 30.34
CA ASN C 225 9.68 -1.10 29.44
C ASN C 225 9.96 0.11 28.59
N ILE C 226 9.84 -0.10 27.29
CA ILE C 226 9.95 0.96 26.27
C ILE C 226 8.62 1.06 25.52
N PHE C 227 8.19 2.30 25.31
CA PHE C 227 6.90 2.61 24.73
C PHE C 227 7.08 3.48 23.51
N ILE C 228 6.58 2.98 22.40
CA ILE C 228 6.78 3.62 21.10
C ILE C 228 5.53 3.62 20.25
N TYR C 229 5.52 4.50 19.30
CA TYR C 229 4.50 4.50 18.30
C TYR C 229 4.99 5.10 17.00
N HIS C 230 4.26 4.78 15.94
CA HIS C 230 4.44 5.41 14.63
C HIS C 230 3.13 6.10 14.28
N GLU C 231 3.24 7.23 13.60
CA GLU C 231 2.07 7.96 13.06
C GLU C 231 1.25 7.14 12.05
N ASP C 232 1.96 6.28 11.33
CA ASP C 232 1.39 5.38 10.32
C ASP C 232 1.21 3.98 10.89
N GLY C 233 -0.03 3.53 10.89
CA GLY C 233 -0.39 2.20 11.40
C GLY C 233 0.30 1.03 10.71
N LYS C 234 0.43 1.10 9.40
CA LYS C 234 1.19 0.05 8.66
C LYS C 234 2.67 -0.04 9.12
N GLU C 235 3.30 1.11 9.31
CA GLU C 235 4.72 1.13 9.66
C GLU C 235 4.98 0.50 11.03
N ILE C 236 4.06 0.69 11.96
CA ILE C 236 4.25 0.14 13.30
C ILE C 236 4.01 -1.37 13.35
N VAL C 237 3.09 -1.83 12.51
CA VAL C 237 2.78 -3.26 12.40
C VAL C 237 3.92 -4.02 11.67
N ASP C 238 4.50 -3.34 10.66
CA ASP C 238 5.75 -3.80 9.99
C ASP C 238 6.91 -3.94 11.00
N TRP C 239 7.06 -2.96 11.89
CA TRP C 239 8.07 -3.06 12.97
C TRP C 239 7.82 -4.26 13.88
N PHE C 240 6.56 -4.44 14.24
CA PHE C 240 6.14 -5.54 15.11
C PHE C 240 6.52 -6.87 14.51
N ASN C 241 6.19 -7.05 13.25
CA ASN C 241 6.40 -8.30 12.53
C ASN C 241 7.86 -8.50 12.12
N ALA C 242 8.57 -7.39 11.95
CA ALA C 242 10.06 -7.43 11.77
C ALA C 242 10.68 -7.97 13.05
N LEU C 243 10.18 -7.49 14.18
CA LEU C 243 10.63 -8.02 15.50
C LEU C 243 10.38 -9.49 15.62
N ARG C 244 9.21 -9.93 15.18
CA ARG C 244 8.86 -11.36 15.22
C ARG C 244 9.71 -12.18 14.28
N ALA C 245 9.96 -11.64 13.09
CA ALA C 245 10.89 -12.28 12.12
C ALA C 245 12.27 -12.48 12.76
N ALA C 246 12.75 -11.43 13.40
CA ALA C 246 14.09 -11.42 14.02
C ALA C 246 14.18 -12.41 15.18
N ARG C 247 13.11 -12.50 15.96
CA ARG C 247 13.05 -13.51 17.05
C ARG C 247 13.02 -14.90 16.49
N PHE C 248 12.29 -15.07 15.40
CA PHE C 248 12.08 -16.38 14.79
C PHE C 248 13.40 -16.91 14.22
N HIS C 249 14.11 -16.02 13.57
CA HIS C 249 15.35 -16.41 12.91
C HIS C 249 16.36 -16.70 14.00
N TYR C 250 16.33 -15.84 15.01
CA TYR C 250 17.19 -16.03 16.17
C TYR C 250 16.92 -17.38 16.82
N LEU C 251 15.66 -17.68 17.06
CA LEU C 251 15.27 -18.98 17.70
C LEU C 251 15.55 -20.24 16.84
N GLN C 252 15.52 -20.08 15.53
CA GLN C 252 15.75 -21.24 14.61
C GLN C 252 17.20 -21.72 14.67
N VAL C 253 18.08 -20.74 14.87
CA VAL C 253 19.54 -20.95 14.96
C VAL C 253 19.98 -21.26 16.39
N ALA C 254 19.36 -20.59 17.36
CA ALA C 254 19.63 -20.85 18.78
C ALA C 254 19.05 -22.17 19.25
N PHE C 255 17.99 -22.61 18.58
CA PHE C 255 17.34 -23.86 18.93
C PHE C 255 16.99 -24.65 17.69
N PRO C 256 18.02 -25.17 17.00
CA PRO C 256 17.74 -25.99 15.84
C PRO C 256 17.33 -27.35 16.31
N GLY C 257 16.57 -28.03 15.49
CA GLY C 257 15.93 -29.27 15.93
C GLY C 257 14.53 -29.01 16.45
N ALA C 258 14.30 -27.75 16.82
CA ALA C 258 12.98 -27.28 17.25
C ALA C 258 12.17 -26.95 16.01
N SER C 259 10.94 -27.46 15.97
CA SER C 259 10.02 -27.22 14.85
C SER C 259 9.61 -25.77 14.83
N ASP C 260 9.23 -25.30 13.64
CA ASP C 260 8.68 -23.94 13.49
C ASP C 260 7.43 -23.75 14.35
N ALA C 261 6.59 -24.78 14.35
CA ALA C 261 5.37 -24.84 15.19
C ALA C 261 5.64 -24.61 16.66
N ASP C 262 6.73 -25.17 17.14
CA ASP C 262 7.14 -25.05 18.56
C ASP C 262 7.72 -23.68 18.89
N LEU C 263 8.20 -23.03 17.84
CA LEU C 263 8.90 -21.74 17.95
C LEU C 263 7.98 -20.53 17.83
N VAL C 264 6.98 -20.66 16.98
CA VAL C 264 6.05 -19.56 16.67
C VAL C 264 5.29 -18.95 17.86
N PRO C 265 4.86 -19.76 18.86
CA PRO C 265 4.22 -19.15 20.06
C PRO C 265 5.18 -18.42 21.01
N LYS C 266 6.47 -18.61 20.79
CA LYS C 266 7.48 -17.93 21.60
C LYS C 266 7.87 -16.59 21.01
N LEU C 267 7.38 -16.26 19.82
CA LEU C 267 7.91 -15.08 19.10
C LEU C 267 7.67 -13.78 19.87
N SER C 268 6.43 -13.64 20.33
CA SER C 268 6.02 -12.53 21.19
C SER C 268 4.85 -12.96 22.07
N ARG C 269 4.83 -12.43 23.28
CA ARG C 269 3.83 -12.83 24.31
C ARG C 269 2.99 -11.66 24.72
N ASN C 270 1.68 -11.88 24.69
CA ASN C 270 0.75 -10.97 25.29
C ASN C 270 0.61 -11.31 26.76
N TYR C 271 0.35 -10.29 27.56
CA TYR C 271 0.08 -10.48 29.00
C TYR C 271 -1.26 -11.17 29.20
N LEU C 272 -1.28 -12.04 30.19
CA LEU C 272 -2.51 -12.77 30.57
C LEU C 272 -3.53 -11.80 31.09
N LYS C 273 -3.05 -10.95 32.00
CA LYS C 273 -3.91 -10.03 32.73
C LYS C 273 -3.13 -8.82 33.16
N GLU C 274 -3.80 -7.68 33.05
CA GLU C 274 -3.22 -6.40 33.48
C GLU C 274 -4.29 -5.57 34.20
N GLY C 275 -3.91 -4.86 35.23
CA GLY C 275 -4.86 -3.96 35.89
C GLY C 275 -4.47 -3.52 37.27
N TYR C 276 -5.19 -2.52 37.76
CA TYR C 276 -4.97 -2.00 39.12
C TYR C 276 -5.48 -3.02 40.13
N MET C 277 -4.67 -3.29 41.12
CA MET C 277 -5.10 -3.97 42.34
C MET C 277 -4.49 -3.20 43.48
N GLU C 278 -5.02 -3.42 44.68
CA GLU C 278 -4.35 -2.93 45.88
C GLU C 278 -3.46 -4.02 46.46
N LYS C 279 -2.36 -3.58 47.06
CA LYS C 279 -1.35 -4.50 47.63
C LYS C 279 -0.94 -4.10 49.05
N PHE C 288 -2.60 -0.82 52.44
CA PHE C 288 -3.14 -1.12 51.11
C PHE C 288 -3.03 0.04 50.14
N ARG C 289 -2.23 -0.21 49.12
CA ARG C 289 -1.85 0.76 48.11
C ARG C 289 -2.27 0.27 46.73
N LYS C 290 -2.89 1.16 45.97
CA LYS C 290 -3.26 0.92 44.56
C LYS C 290 -2.01 0.92 43.68
N ARG C 291 -1.84 -0.17 42.93
CA ARG C 291 -0.72 -0.30 41.97
C ARG C 291 -1.21 -0.93 40.70
N TRP C 292 -0.59 -0.56 39.59
CA TRP C 292 -0.83 -1.24 38.30
C TRP C 292 -0.04 -2.55 38.23
N PHE C 293 -0.78 -3.62 37.93
CA PHE C 293 -0.24 -4.97 37.86
C PHE C 293 -0.22 -5.51 36.44
N THR C 294 0.83 -6.24 36.15
CA THR C 294 0.97 -6.99 34.90
C THR C 294 1.34 -8.44 35.22
N MET C 295 0.56 -9.36 34.67
CA MET C 295 0.86 -10.79 34.74
C MET C 295 1.47 -11.20 33.43
N ASP C 296 2.79 -11.34 33.48
CA ASP C 296 3.58 -11.82 32.36
C ASP C 296 4.10 -13.20 32.72
N ASP C 297 3.26 -14.18 32.42
CA ASP C 297 3.58 -15.59 32.62
C ASP C 297 3.59 -15.98 34.12
N ARG C 298 4.78 -16.18 34.69
CA ARG C 298 4.95 -16.50 36.13
C ARG C 298 5.24 -15.26 36.95
N ARG C 299 5.23 -14.13 36.27
CA ARG C 299 5.87 -12.95 36.79
C ARG C 299 4.92 -11.76 36.94
N LEU C 300 4.50 -11.58 38.18
CA LEU C 300 3.56 -10.54 38.56
C LEU C 300 4.35 -9.29 38.96
N MET C 301 4.26 -8.28 38.12
CA MET C 301 4.99 -7.04 38.36
C MET C 301 4.00 -6.00 38.74
N TYR C 302 4.44 -5.03 39.51
CA TYR C 302 3.57 -3.91 39.86
C TYR C 302 4.33 -2.59 39.74
N PHE C 303 3.59 -1.57 39.37
CA PHE C 303 4.12 -0.24 39.06
C PHE C 303 3.29 0.84 39.74
N LYS C 304 3.88 2.00 39.91
CA LYS C 304 3.15 3.19 40.38
C LYS C 304 2.25 3.70 39.25
N ASP C 305 2.85 3.81 38.08
CA ASP C 305 2.16 4.18 36.84
C ASP C 305 2.36 3.08 35.79
N PRO C 306 1.34 2.82 34.94
CA PRO C 306 1.47 1.79 33.89
C PRO C 306 2.69 1.97 32.95
N LEU C 307 3.06 3.22 32.73
CA LEU C 307 4.11 3.58 31.77
C LEU C 307 5.48 3.79 32.40
N ASP C 308 5.62 3.45 33.68
CA ASP C 308 6.94 3.35 34.31
C ASP C 308 7.85 2.39 33.53
N ALA C 309 9.13 2.76 33.50
CA ALA C 309 10.18 2.04 32.79
C ALA C 309 10.53 0.73 33.46
N PHE C 310 10.44 0.73 34.78
CA PHE C 310 10.79 -0.45 35.60
C PHE C 310 9.72 -0.72 36.63
N ALA C 311 9.50 -1.99 36.92
CA ALA C 311 8.57 -2.41 37.96
C ALA C 311 9.03 -1.90 39.33
N ARG C 312 8.06 -1.49 40.15
CA ARG C 312 8.32 -1.19 41.58
C ARG C 312 8.82 -2.45 42.25
N GLY C 313 8.06 -3.51 42.03
CA GLY C 313 8.38 -4.83 42.57
C GLY C 313 7.85 -5.94 41.72
N GLU C 314 8.30 -7.14 42.04
CA GLU C 314 7.86 -8.36 41.36
C GLU C 314 7.55 -9.44 42.36
N VAL C 315 6.55 -10.22 41.99
CA VAL C 315 6.24 -11.46 42.69
C VAL C 315 6.29 -12.61 41.71
N PHE C 316 7.08 -13.61 42.04
CA PHE C 316 7.16 -14.84 41.23
C PHE C 316 6.07 -15.82 41.66
N ILE C 317 5.42 -16.42 40.67
CA ILE C 317 4.40 -17.45 40.92
C ILE C 317 4.85 -18.79 40.34
N GLY C 318 5.32 -19.65 41.22
CA GLY C 318 5.72 -21.00 40.85
C GLY C 318 4.56 -21.98 40.78
N SER C 319 4.91 -23.24 40.89
CA SER C 319 3.95 -24.33 40.79
C SER C 319 3.39 -24.69 42.15
N LYS C 320 2.31 -25.46 42.10
CA LYS C 320 1.74 -26.14 43.30
C LYS C 320 2.79 -26.99 44.00
N GLU C 321 3.47 -27.79 43.19
CA GLU C 321 4.59 -28.67 43.62
C GLU C 321 5.58 -27.93 44.49
N SER C 322 5.94 -26.76 43.99
CA SER C 322 7.03 -25.94 44.54
C SER C 322 6.61 -25.05 45.70
N GLY C 323 5.37 -25.23 46.14
CA GLY C 323 4.87 -24.55 47.34
C GLY C 323 4.09 -23.26 47.11
N TYR C 324 3.45 -23.18 45.96
CA TYR C 324 2.65 -22.00 45.59
C TYR C 324 1.16 -22.29 45.50
N THR C 325 0.38 -21.43 46.16
CA THR C 325 -1.10 -21.45 46.07
C THR C 325 -1.72 -20.07 46.07
N VAL C 326 -2.84 -20.00 45.35
CA VAL C 326 -3.69 -18.81 45.29
C VAL C 326 -4.99 -19.06 46.05
N LEU C 327 -5.37 -18.07 46.84
CA LEU C 327 -6.60 -18.14 47.64
C LEU C 327 -7.48 -16.90 47.49
N HIS C 328 -8.77 -17.14 47.57
CA HIS C 328 -9.78 -16.07 47.66
C HIS C 328 -9.83 -15.51 49.05
N GLY C 329 -10.39 -14.31 49.14
CA GLY C 329 -10.66 -13.65 50.42
C GLY C 329 -9.44 -13.20 51.17
N PHE C 330 -9.72 -12.43 52.21
CA PHE C 330 -8.70 -11.95 53.15
C PHE C 330 -8.70 -12.87 54.39
N PRO C 331 -7.50 -13.15 54.94
CA PRO C 331 -7.38 -14.20 55.97
C PRO C 331 -7.91 -13.82 57.37
N TRP C 339 -10.36 -2.62 48.99
CA TRP C 339 -11.38 -3.08 48.04
C TRP C 339 -12.04 -4.39 48.50
N PRO C 340 -13.33 -4.57 48.16
CA PRO C 340 -14.14 -5.68 48.66
C PRO C 340 -13.47 -7.03 48.63
N HIS C 341 -12.92 -7.37 47.47
CA HIS C 341 -12.47 -8.74 47.19
C HIS C 341 -11.00 -8.96 47.48
N GLY C 342 -10.66 -10.21 47.71
CA GLY C 342 -9.33 -10.55 48.16
C GLY C 342 -8.74 -11.74 47.46
N ILE C 343 -7.44 -11.64 47.21
CA ILE C 343 -6.64 -12.75 46.69
C ILE C 343 -5.36 -12.88 47.48
N THR C 344 -5.06 -14.11 47.86
CA THR C 344 -3.84 -14.43 48.60
C THR C 344 -2.96 -15.36 47.79
N ILE C 345 -1.71 -14.95 47.57
CA ILE C 345 -0.69 -15.82 46.97
C ILE C 345 0.28 -16.31 48.05
N VAL C 346 0.21 -17.61 48.30
CA VAL C 346 1.06 -18.25 49.29
C VAL C 346 2.31 -18.77 48.60
N THR C 347 3.43 -18.16 48.95
CA THR C 347 4.73 -18.57 48.45
C THR C 347 5.43 -19.36 49.55
N PRO C 348 6.46 -20.16 49.19
CA PRO C 348 7.23 -20.91 50.20
C PRO C 348 7.71 -20.09 51.40
N ASP C 349 8.01 -18.81 51.12
CA ASP C 349 8.56 -17.91 52.14
C ASP C 349 7.48 -17.06 52.81
N ARG C 350 6.81 -16.27 51.97
CA ARG C 350 5.83 -15.28 52.42
C ARG C 350 4.46 -15.42 51.77
N LYS C 351 3.53 -14.69 52.35
CA LYS C 351 2.16 -14.58 51.80
C LYS C 351 1.98 -13.20 51.17
N PHE C 352 1.30 -13.19 50.04
CA PHE C 352 0.99 -11.94 49.32
C PHE C 352 -0.51 -11.73 49.24
N LEU C 353 -0.92 -10.56 49.69
CA LEU C 353 -2.35 -10.21 49.77
C LEU C 353 -2.73 -9.05 48.84
N PHE C 354 -3.68 -9.33 47.96
CA PHE C 354 -4.19 -8.34 46.98
C PHE C 354 -5.71 -8.08 47.06
N ALA C 355 -6.07 -6.81 46.87
CA ALA C 355 -7.49 -6.39 46.84
C ALA C 355 -7.94 -6.01 45.43
N CYS C 356 -8.97 -6.70 44.95
CA CYS C 356 -9.60 -6.37 43.65
C CYS C 356 -10.91 -5.59 43.83
N GLU C 357 -11.09 -4.61 42.95
CA GLU C 357 -12.26 -3.72 42.99
C GLU C 357 -13.56 -4.51 42.84
N THR C 358 -13.57 -5.38 41.86
CA THR C 358 -14.73 -6.18 41.51
C THR C 358 -14.45 -7.68 41.57
N GLU C 359 -15.51 -8.44 41.35
CA GLU C 359 -15.48 -9.91 41.42
C GLU C 359 -15.19 -10.53 40.07
N SER C 360 -15.49 -9.80 39.01
CA SER C 360 -15.06 -10.21 37.65
C SER C 360 -13.55 -10.21 37.59
N ASP C 361 -12.98 -9.09 38.01
CA ASP C 361 -11.52 -8.89 38.01
C ASP C 361 -10.84 -9.87 38.93
N GLN C 362 -11.41 -10.03 40.11
CA GLN C 362 -10.92 -11.04 41.09
C GLN C 362 -10.86 -12.43 40.44
N ARG C 363 -11.91 -12.79 39.74
CA ARG C 363 -11.99 -14.10 39.05
C ARG C 363 -10.89 -14.24 37.98
N GLU C 364 -10.69 -13.16 37.24
CA GLU C 364 -9.76 -13.18 36.09
C GLU C 364 -8.33 -13.28 36.57
N TRP C 365 -8.05 -12.51 37.61
CA TRP C 365 -6.74 -12.48 38.26
C TRP C 365 -6.37 -13.84 38.85
N VAL C 366 -7.32 -14.40 39.58
CA VAL C 366 -7.16 -15.72 40.23
C VAL C 366 -6.92 -16.78 39.17
N ALA C 367 -7.66 -16.68 38.07
CA ALA C 367 -7.51 -17.58 36.91
C ALA C 367 -6.11 -17.52 36.30
N ALA C 368 -5.59 -16.30 36.22
CA ALA C 368 -4.21 -16.02 35.74
C ALA C 368 -3.15 -16.65 36.64
N PHE C 369 -3.35 -16.49 37.94
CA PHE C 369 -2.40 -17.01 38.95
C PHE C 369 -2.46 -18.53 39.03
N GLN C 370 -3.66 -19.04 38.79
CA GLN C 370 -3.92 -20.49 38.86
C GLN C 370 -3.24 -21.18 37.70
N LYS C 371 -3.13 -20.46 36.60
CA LYS C 371 -2.51 -21.00 35.37
C LYS C 371 -1.01 -21.26 35.60
N ALA C 372 -0.41 -20.36 36.38
CA ALA C 372 1.00 -20.49 36.79
C ALA C 372 1.19 -21.68 37.73
N VAL C 373 0.25 -21.81 38.64
CA VAL C 373 0.31 -22.82 39.71
C VAL C 373 0.13 -24.23 39.17
N ASP C 374 -0.75 -24.35 38.20
CA ASP C 374 -1.13 -25.65 37.63
C ASP C 374 -0.11 -26.23 36.67
N ARG C 375 0.89 -25.42 36.33
CA ARG C 375 1.89 -25.80 35.34
C ARG C 375 3.24 -26.10 36.02
N PRO C 376 3.89 -27.23 35.63
CA PRO C 376 5.23 -27.56 36.13
C PRO C 376 6.31 -26.56 35.68
N MET C 377 7.11 -26.15 36.66
CA MET C 377 8.26 -25.24 36.42
C MET C 377 9.35 -25.84 35.52
N LEU C 378 9.99 -24.96 34.78
CA LEU C 378 11.16 -25.30 33.95
C LEU C 378 12.43 -24.91 34.68
N PRO C 379 13.59 -25.47 34.26
CA PRO C 379 14.90 -25.10 34.86
C PRO C 379 15.17 -23.60 34.94
N GLN C 380 14.80 -22.89 33.88
CA GLN C 380 14.98 -21.42 33.80
C GLN C 380 14.08 -20.69 34.79
N GLU C 381 12.90 -21.24 34.98
CA GLU C 381 11.90 -20.68 35.93
C GLU C 381 12.36 -20.84 37.40
N TYR C 382 13.06 -21.93 37.67
CA TYR C 382 13.77 -22.15 38.96
C TYR C 382 14.90 -21.15 39.19
N ALA C 383 15.56 -20.80 38.09
CA ALA C 383 16.62 -19.77 38.11
C ALA C 383 16.05 -18.39 38.44
N VAL C 384 14.87 -18.14 37.87
CA VAL C 384 14.12 -16.90 38.14
C VAL C 384 13.64 -16.90 39.58
N GLU C 385 13.09 -18.03 40.02
CA GLU C 385 12.61 -18.15 41.42
C GLU C 385 13.71 -17.85 42.42
N ALA C 386 14.88 -18.41 42.14
CA ALA C 386 16.08 -18.28 43.02
C ALA C 386 16.42 -16.82 43.34
N HIS C 387 16.26 -15.99 42.32
CA HIS C 387 16.45 -14.54 42.44
C HIS C 387 15.43 -13.90 43.41
N PHE C 388 14.19 -14.34 43.30
CA PHE C 388 13.08 -13.83 44.12
C PHE C 388 12.79 -14.73 45.31
N ARG D 23 -19.46 32.41 -1.95
CA ARG D 23 -18.77 31.12 -1.64
C ARG D 23 -17.98 30.65 -2.86
N ARG D 24 -18.73 30.41 -3.94
CA ARG D 24 -18.13 29.99 -5.22
C ARG D 24 -17.24 31.08 -5.81
N ARG D 25 -17.38 32.29 -5.27
CA ARG D 25 -16.54 33.44 -5.66
C ARG D 25 -15.15 33.37 -5.02
N ALA D 26 -15.14 33.08 -3.73
CA ALA D 26 -13.88 33.10 -2.93
C ALA D 26 -12.97 31.91 -3.21
N VAL D 27 -13.59 30.82 -3.65
CA VAL D 27 -12.86 29.58 -4.04
C VAL D 27 -12.28 29.74 -5.44
N LEU D 28 -13.07 30.33 -6.31
CA LEU D 28 -12.65 30.61 -7.69
C LEU D 28 -11.49 31.61 -7.70
N GLU D 29 -11.47 32.45 -6.67
CA GLU D 29 -10.35 33.40 -6.46
C GLU D 29 -9.07 32.64 -6.21
N LEU D 30 -9.15 31.64 -5.32
CA LEU D 30 -7.97 30.82 -4.88
C LEU D 30 -7.12 30.28 -6.03
N LEU D 31 -7.76 29.92 -7.13
CA LEU D 31 -7.05 29.48 -8.36
C LEU D 31 -5.99 30.48 -8.82
N GLN D 32 -6.24 31.74 -8.55
CA GLN D 32 -5.35 32.84 -9.01
C GLN D 32 -4.04 32.81 -8.23
N ARG D 33 -4.12 32.33 -7.00
CA ARG D 33 -2.98 32.29 -6.07
C ARG D 33 -1.75 31.54 -6.65
N PRO D 34 -0.56 31.78 -6.06
CA PRO D 34 0.63 31.03 -6.46
C PRO D 34 0.48 29.56 -6.14
N GLY D 35 0.93 28.73 -7.08
CA GLY D 35 0.91 27.27 -6.92
C GLY D 35 -0.27 26.58 -7.56
N ASN D 36 -1.41 27.25 -7.45
CA ASN D 36 -2.72 26.71 -7.90
C ASN D 36 -2.96 26.89 -9.40
N ALA D 37 -1.91 27.30 -10.08
CA ALA D 37 -1.94 27.58 -11.53
C ALA D 37 -1.93 26.33 -12.39
N ARG D 38 -1.39 25.25 -11.79
CA ARG D 38 -1.17 23.97 -12.47
C ARG D 38 -1.69 22.81 -11.62
N CYS D 39 -2.16 21.77 -12.29
CA CYS D 39 -2.59 20.53 -11.63
C CYS D 39 -1.55 20.06 -10.62
N ALA D 40 -2.01 19.80 -9.41
CA ALA D 40 -1.13 19.43 -8.31
C ALA D 40 -0.39 18.12 -8.60
N ASP D 41 -0.92 17.30 -9.50
CA ASP D 41 -0.40 15.94 -9.70
C ASP D 41 0.34 15.70 -11.01
N CYS D 42 -0.21 16.19 -12.09
CA CYS D 42 0.41 15.99 -13.41
C CYS D 42 0.97 17.28 -14.04
N GLY D 43 0.63 18.41 -13.45
CA GLY D 43 1.14 19.71 -13.87
C GLY D 43 0.40 20.36 -15.04
N ALA D 44 -0.78 19.86 -15.34
CA ALA D 44 -1.57 20.42 -16.46
C ALA D 44 -2.00 21.84 -16.08
N PRO D 45 -2.02 22.77 -17.06
CA PRO D 45 -2.39 24.16 -16.77
C PRO D 45 -3.84 24.35 -16.35
N ASP D 46 -4.04 25.27 -15.44
CA ASP D 46 -5.39 25.69 -15.06
C ASP D 46 -6.30 24.54 -14.58
N PRO D 47 -5.95 23.93 -13.43
CA PRO D 47 -6.83 22.92 -12.82
C PRO D 47 -8.17 23.50 -12.40
N ASP D 48 -9.22 22.78 -12.72
CA ASP D 48 -10.61 23.22 -12.47
C ASP D 48 -11.36 22.39 -11.45
N TRP D 49 -10.67 21.41 -10.90
CA TRP D 49 -11.22 20.55 -9.84
C TRP D 49 -10.40 20.68 -8.59
N ALA D 50 -10.99 20.22 -7.50
CA ALA D 50 -10.34 20.32 -6.20
C ALA D 50 -10.60 19.10 -5.33
N SER D 51 -9.57 18.70 -4.62
CA SER D 51 -9.74 17.79 -3.51
C SER D 51 -9.82 18.67 -2.26
N TYR D 52 -10.98 18.65 -1.62
CA TYR D 52 -11.22 19.49 -0.42
C TYR D 52 -10.82 18.78 0.84
N THR D 53 -10.49 17.51 0.71
CA THR D 53 -9.91 16.75 1.83
C THR D 53 -8.39 16.85 1.87
N LEU D 54 -7.79 17.07 0.70
CA LEU D 54 -6.32 17.18 0.58
C LEU D 54 -5.86 18.61 0.32
N GLY D 55 -6.78 19.41 -0.20
CA GLY D 55 -6.58 20.84 -0.39
C GLY D 55 -5.77 21.16 -1.63
N VAL D 56 -6.03 20.44 -2.70
CA VAL D 56 -5.29 20.62 -3.93
C VAL D 56 -6.21 20.88 -5.10
N PHE D 57 -5.65 21.63 -6.05
CA PHE D 57 -6.32 21.93 -7.31
C PHE D 57 -5.70 21.09 -8.41
N ILE D 58 -6.57 20.31 -9.04
CA ILE D 58 -6.20 19.25 -9.95
C ILE D 58 -7.09 19.28 -11.18
N CYS D 59 -6.58 18.68 -12.25
CA CYS D 59 -7.30 18.58 -13.52
C CYS D 59 -8.36 17.50 -13.46
N LEU D 60 -9.10 17.37 -14.56
CA LEU D 60 -10.26 16.46 -14.67
C LEU D 60 -9.83 15.01 -14.65
N SER D 61 -8.83 14.72 -15.46
CA SER D 61 -8.24 13.37 -15.49
C SER D 61 -7.83 12.92 -14.08
N CYS D 62 -7.09 13.78 -13.40
CA CYS D 62 -6.58 13.45 -12.07
C CYS D 62 -7.69 13.39 -11.04
N SER D 63 -8.74 14.19 -11.22
CA SER D 63 -9.93 14.16 -10.32
C SER D 63 -10.63 12.82 -10.39
N GLY D 64 -10.62 12.23 -11.57
CA GLY D 64 -11.18 10.90 -11.78
C GLY D 64 -10.45 9.84 -11.01
N ILE D 65 -9.13 10.03 -10.88
CA ILE D 65 -8.26 9.09 -10.15
C ILE D 65 -8.48 9.24 -8.65
N HIS D 66 -8.46 10.50 -8.21
CA HIS D 66 -8.77 10.88 -6.81
C HIS D 66 -10.10 10.33 -6.34
N ARG D 67 -11.00 10.23 -7.29
CA ARG D 67 -12.36 9.78 -7.07
C ARG D 67 -12.40 8.33 -6.64
N ASN D 68 -11.36 7.60 -7.03
CA ASN D 68 -11.22 6.18 -6.70
C ASN D 68 -10.38 5.91 -5.43
N ILE D 69 -9.97 6.98 -4.78
CA ILE D 69 -9.39 6.88 -3.44
C ILE D 69 -10.25 7.73 -2.48
N PRO D 70 -11.56 7.42 -2.40
CA PRO D 70 -12.53 8.19 -1.63
C PRO D 70 -12.14 8.44 -0.18
N GLN D 71 -11.49 7.46 0.41
CA GLN D 71 -11.13 7.52 1.85
C GLN D 71 -10.04 8.56 2.11
N VAL D 72 -9.39 8.98 1.04
CA VAL D 72 -8.26 9.91 1.12
C VAL D 72 -8.62 11.27 0.54
N SER D 73 -9.45 11.24 -0.48
CA SER D 73 -9.74 12.39 -1.29
C SER D 73 -11.18 12.43 -1.77
N LYS D 74 -11.80 13.58 -1.52
CA LYS D 74 -13.11 13.88 -2.06
C LYS D 74 -12.99 15.11 -2.95
N VAL D 75 -13.54 14.97 -4.15
CA VAL D 75 -13.34 15.94 -5.22
C VAL D 75 -14.62 16.74 -5.51
N LYS D 76 -14.39 17.92 -6.06
CA LYS D 76 -15.44 18.89 -6.43
C LYS D 76 -15.01 19.81 -7.55
N SER D 77 -15.95 20.12 -8.44
CA SER D 77 -15.69 21.17 -9.43
C SER D 77 -15.67 22.49 -8.69
N VAL D 78 -14.67 23.29 -9.04
CA VAL D 78 -14.52 24.63 -8.45
C VAL D 78 -15.58 25.56 -9.04
N ARG D 79 -15.80 25.39 -10.34
CA ARG D 79 -16.67 26.29 -11.13
C ARG D 79 -18.06 25.75 -11.43
N LEU D 80 -18.35 24.54 -10.96
CA LEU D 80 -19.65 23.90 -11.27
C LEU D 80 -20.32 23.14 -10.14
N ASP D 81 -19.84 23.35 -8.92
CA ASP D 81 -20.42 22.72 -7.72
C ASP D 81 -20.52 23.71 -6.57
N ALA D 82 -21.37 23.35 -5.61
CA ALA D 82 -21.65 24.20 -4.43
C ALA D 82 -20.77 23.85 -3.25
N TRP D 83 -20.12 24.89 -2.72
CA TRP D 83 -19.15 24.74 -1.62
C TRP D 83 -19.71 25.19 -0.29
N GLU D 84 -18.99 24.80 0.75
CA GLU D 84 -19.31 25.17 2.13
C GLU D 84 -18.13 25.89 2.74
N GLU D 85 -18.45 26.83 3.62
CA GLU D 85 -17.44 27.68 4.26
C GLU D 85 -16.25 26.87 4.75
N ALA D 86 -16.57 25.73 5.35
CA ALA D 86 -15.55 24.82 5.94
C ALA D 86 -14.62 24.28 4.87
N GLN D 87 -15.22 23.90 3.74
CA GLN D 87 -14.49 23.36 2.59
C GLN D 87 -13.59 24.44 2.00
N VAL D 88 -14.16 25.62 1.84
CA VAL D 88 -13.44 26.74 1.21
C VAL D 88 -12.31 27.29 2.09
N GLU D 89 -12.46 27.13 3.40
CA GLU D 89 -11.46 27.60 4.39
C GLU D 89 -10.32 26.59 4.53
N PHE D 90 -10.61 25.33 4.24
CA PHE D 90 -9.57 24.31 4.14
C PHE D 90 -8.71 24.55 2.88
N MET D 91 -9.38 24.82 1.75
CA MET D 91 -8.67 25.12 0.50
C MET D 91 -7.74 26.31 0.66
N ALA D 92 -8.26 27.31 1.37
CA ALA D 92 -7.57 28.60 1.56
C ALA D 92 -6.35 28.45 2.45
N SER D 93 -6.47 27.62 3.46
CA SER D 93 -5.33 27.35 4.36
C SER D 93 -4.29 26.39 3.75
N HIS D 94 -4.62 25.85 2.58
CA HIS D 94 -3.80 24.79 1.95
C HIS D 94 -3.35 25.17 0.55
N GLY D 95 -3.82 24.43 -0.43
CA GLY D 95 -3.40 24.63 -1.82
C GLY D 95 -2.21 23.78 -2.22
N ASN D 96 -1.79 23.98 -3.44
CA ASN D 96 -0.82 23.10 -4.15
C ASN D 96 0.61 23.17 -3.66
N ASP D 97 1.06 24.38 -3.35
CA ASP D 97 2.40 24.59 -2.78
C ASP D 97 2.47 24.00 -1.38
N ALA D 98 1.39 24.18 -0.63
CA ALA D 98 1.24 23.59 0.71
C ALA D 98 1.30 22.06 0.66
N ALA D 99 0.68 21.49 -0.36
CA ALA D 99 0.62 20.03 -0.60
C ALA D 99 1.96 19.48 -1.06
N ARG D 100 2.68 20.29 -1.81
CA ARG D 100 4.04 19.93 -2.26
C ARG D 100 5.02 19.86 -1.10
N ALA D 101 4.90 20.81 -0.17
CA ALA D 101 5.77 20.83 1.02
C ALA D 101 5.43 19.68 1.93
N ARG D 102 4.17 19.27 1.90
CA ARG D 102 3.68 18.16 2.72
C ARG D 102 3.92 16.77 2.08
N PHE D 103 3.27 16.52 0.96
CA PHE D 103 3.28 15.18 0.32
C PHE D 103 4.45 14.85 -0.59
N GLU D 104 5.25 15.87 -0.89
CA GLU D 104 6.41 15.70 -1.77
C GLU D 104 7.65 16.19 -1.15
N SER D 105 7.72 16.18 0.17
CA SER D 105 8.89 16.74 0.84
C SER D 105 10.09 15.79 0.82
N LYS D 106 9.85 14.52 0.52
CA LYS D 106 10.93 13.52 0.54
C LYS D 106 10.88 12.59 -0.65
N VAL D 107 10.76 13.18 -1.83
CA VAL D 107 10.74 12.43 -3.11
C VAL D 107 12.19 12.19 -3.61
N PRO D 108 12.65 10.93 -3.68
CA PRO D 108 14.00 10.70 -4.24
C PRO D 108 14.20 11.32 -5.63
N SER D 109 15.38 11.85 -5.84
CA SER D 109 15.66 12.63 -7.06
C SER D 109 15.53 11.81 -8.33
N PHE D 110 15.84 10.53 -8.21
CA PHE D 110 15.70 9.58 -9.36
C PHE D 110 14.27 9.19 -9.70
N TYR D 111 13.34 9.56 -8.85
CA TYR D 111 11.94 9.09 -8.91
C TYR D 111 11.17 9.79 -10.03
N TYR D 112 10.62 8.98 -10.92
CA TYR D 112 9.86 9.49 -12.06
C TYR D 112 8.59 10.26 -11.63
N ARG D 113 8.51 11.50 -12.06
CA ARG D 113 7.33 12.33 -11.88
C ARG D 113 6.61 12.40 -13.24
N PRO D 114 5.35 11.96 -13.28
CA PRO D 114 4.68 11.84 -14.55
C PRO D 114 4.09 13.15 -15.07
N THR D 115 3.86 13.12 -16.37
CA THR D 115 3.28 14.25 -17.10
C THR D 115 1.89 13.82 -17.62
N PRO D 116 1.09 14.78 -18.15
CA PRO D 116 -0.25 14.43 -18.63
C PRO D 116 -0.32 13.38 -19.77
N SER D 117 0.73 13.30 -20.56
CA SER D 117 0.81 12.36 -21.70
C SER D 117 1.24 10.94 -21.29
N ASP D 118 1.57 10.77 -20.03
CA ASP D 118 1.99 9.44 -19.51
C ASP D 118 0.79 8.51 -19.37
N CYS D 119 1.08 7.25 -19.28
CA CYS D 119 0.04 6.23 -19.15
C CYS D 119 -0.63 6.39 -17.81
N GLN D 120 -1.83 5.87 -17.76
CA GLN D 120 -2.73 5.99 -16.62
C GLN D 120 -2.12 5.41 -15.37
N LEU D 121 -1.40 4.32 -15.56
CA LEU D 121 -0.73 3.62 -14.45
C LEU D 121 0.17 4.57 -13.70
N LEU D 122 0.97 5.30 -14.47
CA LEU D 122 1.98 6.19 -13.90
C LEU D 122 1.36 7.34 -13.16
N ARG D 123 0.27 7.83 -13.70
CA ARG D 123 -0.47 8.95 -13.10
C ARG D 123 -1.24 8.53 -11.85
N GLU D 124 -1.84 7.37 -11.90
CA GLU D 124 -2.54 6.84 -10.71
C GLU D 124 -1.59 6.51 -9.59
N GLN D 125 -0.51 5.83 -9.93
CA GLN D 125 0.45 5.38 -8.90
C GLN D 125 1.17 6.54 -8.24
N TRP D 126 1.34 7.61 -9.01
CA TRP D 126 1.96 8.87 -8.49
C TRP D 126 1.06 9.46 -7.41
N ILE D 127 -0.22 9.51 -7.71
CA ILE D 127 -1.23 10.05 -6.77
C ILE D 127 -1.38 9.17 -5.52
N ARG D 128 -1.37 7.86 -5.74
CA ARG D 128 -1.48 6.90 -4.63
C ARG D 128 -0.26 7.00 -3.73
N ALA D 129 0.92 7.04 -4.36
CA ALA D 129 2.21 7.16 -3.61
C ALA D 129 2.25 8.39 -2.70
N LYS D 130 1.73 9.48 -3.23
CA LYS D 130 1.78 10.78 -2.55
C LYS D 130 0.82 10.85 -1.37
N TYR D 131 -0.44 10.61 -1.69
CA TYR D 131 -1.55 10.88 -0.76
C TYR D 131 -2.07 9.68 -0.02
N GLU D 132 -1.98 8.53 -0.66
CA GLU D 132 -2.54 7.31 -0.07
C GLU D 132 -1.52 6.58 0.76
N ARG D 133 -0.42 6.21 0.13
CA ARG D 133 0.65 5.49 0.84
C ARG D 133 1.53 6.44 1.60
N GLN D 134 1.58 7.66 1.11
CA GLN D 134 2.40 8.73 1.73
C GLN D 134 3.86 8.34 1.82
N GLU D 135 4.37 7.89 0.71
CA GLU D 135 5.76 7.38 0.57
C GLU D 135 6.85 8.45 0.70
N PHE D 136 6.41 9.68 0.53
CA PHE D 136 7.33 10.83 0.53
C PHE D 136 7.14 11.65 1.79
N ILE D 137 6.45 11.02 2.74
CA ILE D 137 6.28 11.51 4.13
C ILE D 137 7.05 10.62 5.08
N TYR D 138 6.87 9.33 4.87
CA TYR D 138 7.50 8.29 5.65
C TYR D 138 8.51 7.59 4.74
N PRO D 139 9.81 7.89 4.91
CA PRO D 139 10.79 7.40 3.94
C PRO D 139 11.08 5.90 4.02
N GLU D 140 10.69 5.28 5.14
CA GLU D 140 10.73 3.81 5.28
C GLU D 140 10.10 3.16 4.06
N LYS D 141 9.03 3.79 3.58
CA LYS D 141 8.19 3.26 2.47
C LYS D 141 8.86 3.34 1.11
N GLN D 142 10.03 3.95 1.05
CA GLN D 142 10.82 4.05 -0.18
C GLN D 142 11.77 2.88 -0.38
N GLU D 143 11.91 2.08 0.65
CA GLU D 143 12.77 0.88 0.63
C GLU D 143 12.79 0.05 -0.67
N PRO D 144 11.61 -0.29 -1.24
CA PRO D 144 11.70 -1.28 -2.33
C PRO D 144 12.50 -0.88 -3.58
N TYR D 145 12.59 0.42 -3.83
CA TYR D 145 13.30 0.91 -5.00
C TYR D 145 14.59 1.64 -4.62
N SER D 146 14.98 1.50 -3.36
CA SER D 146 16.08 2.29 -2.80
C SER D 146 17.21 1.47 -2.22
N ALA D 147 17.14 0.15 -2.36
CA ALA D 147 18.13 -0.70 -1.66
C ALA D 147 19.28 -1.08 -2.55
N GLY D 148 19.16 -0.75 -3.81
CA GLY D 148 20.18 -1.09 -4.80
C GLY D 148 20.04 -2.52 -5.30
N TYR D 149 19.05 -3.21 -4.74
CA TYR D 149 18.77 -4.60 -5.09
C TYR D 149 17.27 -4.86 -5.15
N ARG D 150 16.84 -5.60 -6.16
CA ARG D 150 15.45 -6.00 -6.27
C ARG D 150 15.33 -7.31 -6.99
N GLU D 151 14.50 -8.18 -6.45
CA GLU D 151 14.20 -9.48 -7.09
C GLU D 151 12.72 -9.84 -7.00
N GLY D 152 12.27 -10.51 -8.02
CA GLY D 152 10.90 -10.97 -8.10
C GLY D 152 10.61 -11.48 -9.47
N PHE D 153 9.49 -12.14 -9.57
CA PHE D 153 9.02 -12.69 -10.84
C PHE D 153 8.28 -11.62 -11.64
N LEU D 154 8.54 -11.62 -12.93
CA LEU D 154 7.81 -10.77 -13.88
C LEU D 154 7.30 -11.63 -15.01
N TRP D 155 6.24 -11.18 -15.66
CA TRP D 155 5.73 -11.87 -16.87
C TRP D 155 6.45 -11.32 -18.06
N LYS D 156 7.20 -12.20 -18.73
CA LYS D 156 8.04 -11.82 -19.88
C LYS D 156 7.58 -12.45 -21.20
N ARG D 157 7.50 -11.63 -22.22
CA ARG D 157 7.18 -12.07 -23.58
C ARG D 157 8.33 -12.87 -24.15
N GLY D 158 7.99 -14.05 -24.66
CA GLY D 158 8.95 -14.93 -25.30
C GLY D 158 9.51 -14.23 -26.53
N ARG D 159 10.82 -14.34 -26.69
CA ARG D 159 11.52 -13.67 -27.79
C ARG D 159 10.82 -13.92 -29.12
N ASP D 160 10.50 -15.20 -29.34
CA ASP D 160 9.88 -15.67 -30.59
C ASP D 160 8.35 -15.75 -30.53
N ASN D 161 7.85 -16.53 -29.56
CA ASN D 161 6.43 -16.98 -29.58
C ASN D 161 5.37 -15.96 -29.17
N GLY D 162 5.78 -14.93 -28.46
CA GLY D 162 4.83 -13.90 -28.00
C GLY D 162 3.96 -14.33 -26.83
N GLN D 163 4.36 -15.41 -26.19
CA GLN D 163 3.74 -15.86 -24.95
C GLN D 163 4.46 -15.24 -23.77
N PHE D 164 3.67 -14.72 -22.85
CA PHE D 164 4.18 -14.14 -21.60
C PHE D 164 4.17 -15.19 -20.51
N LEU D 165 5.37 -15.53 -20.06
CA LEU D 165 5.57 -16.49 -18.98
C LEU D 165 6.41 -15.88 -17.85
N SER D 166 6.19 -16.40 -16.65
CA SER D 166 6.79 -15.86 -15.42
C SER D 166 8.23 -16.27 -15.25
N ARG D 167 9.10 -15.26 -15.14
CA ARG D 167 10.56 -15.42 -14.93
C ARG D 167 11.01 -14.64 -13.72
N LYS D 168 12.03 -15.17 -13.04
CA LYS D 168 12.72 -14.43 -11.97
C LYS D 168 13.65 -13.38 -12.58
N PHE D 169 13.45 -12.15 -12.14
CA PHE D 169 14.33 -11.03 -12.47
C PHE D 169 15.06 -10.59 -11.24
N VAL D 170 16.31 -10.21 -11.45
CA VAL D 170 17.16 -9.55 -10.42
C VAL D 170 17.82 -8.25 -10.91
N LEU D 171 17.54 -7.18 -10.20
CA LEU D 171 18.27 -5.93 -10.36
C LEU D 171 19.32 -5.84 -9.28
N THR D 172 20.58 -5.78 -9.72
CA THR D 172 21.69 -5.66 -8.79
C THR D 172 22.66 -4.56 -9.23
N GLU D 173 22.75 -3.52 -8.40
CA GLU D 173 23.68 -2.40 -8.67
C GLU D 173 25.11 -2.83 -8.48
N ARG D 174 25.30 -3.77 -7.58
CA ARG D 174 26.63 -4.35 -7.30
C ARG D 174 27.31 -4.87 -8.57
N GLU D 175 26.55 -5.63 -9.34
CA GLU D 175 27.03 -6.21 -10.60
C GLU D 175 26.66 -5.35 -11.79
N GLY D 176 25.97 -4.26 -11.52
CA GLY D 176 25.57 -3.29 -12.53
C GLY D 176 24.67 -3.81 -13.64
N ALA D 177 23.73 -4.66 -13.28
CA ALA D 177 22.86 -5.29 -14.28
C ALA D 177 21.46 -5.69 -13.80
N LEU D 178 20.52 -5.71 -14.75
CA LEU D 178 19.25 -6.45 -14.62
C LEU D 178 19.44 -7.83 -15.29
N LYS D 179 19.04 -8.86 -14.59
CA LYS D 179 19.01 -10.18 -15.19
C LYS D 179 17.71 -10.88 -14.95
N TYR D 180 17.49 -11.86 -15.79
CA TYR D 180 16.44 -12.83 -15.52
C TYR D 180 16.98 -14.20 -15.79
N PHE D 181 16.18 -15.16 -15.37
CA PHE D 181 16.53 -16.56 -15.36
C PHE D 181 15.47 -17.37 -16.07
N ASN D 182 15.91 -18.49 -16.61
CA ASN D 182 15.05 -19.41 -17.36
C ASN D 182 14.26 -20.28 -16.42
N ARG D 183 13.25 -20.93 -16.96
CA ARG D 183 12.38 -21.81 -16.17
C ARG D 183 13.14 -23.05 -15.62
N GLU D 188 22.48 -19.35 -12.94
CA GLU D 188 23.03 -18.78 -14.18
C GLU D 188 21.91 -18.13 -15.01
N PRO D 189 22.02 -16.81 -15.26
CA PRO D 189 20.92 -16.10 -15.91
C PRO D 189 20.75 -16.45 -17.38
N LYS D 190 19.53 -16.28 -17.86
CA LYS D 190 19.27 -16.35 -19.30
C LYS D 190 19.89 -15.13 -20.02
N ALA D 191 19.78 -13.97 -19.37
CA ALA D 191 20.35 -12.72 -19.92
C ALA D 191 20.81 -11.77 -18.83
N VAL D 192 21.94 -11.13 -19.10
CA VAL D 192 22.48 -10.07 -18.25
C VAL D 192 22.38 -8.74 -19.01
N MET D 193 21.64 -7.81 -18.45
CA MET D 193 21.37 -6.52 -19.10
C MET D 193 22.04 -5.40 -18.30
N LYS D 194 23.20 -5.00 -18.79
CA LYS D 194 24.03 -4.03 -18.09
C LYS D 194 23.35 -2.68 -18.01
N ILE D 195 23.51 -2.06 -16.85
CA ILE D 195 22.88 -0.78 -16.54
C ILE D 195 23.34 0.39 -17.46
N GLU D 196 24.58 0.35 -17.89
CA GLU D 196 25.17 1.48 -18.64
C GLU D 196 24.39 1.92 -19.86
N HIS D 197 23.76 0.98 -20.55
CA HIS D 197 22.92 1.31 -21.71
C HIS D 197 21.50 0.78 -21.59
N LEU D 198 21.04 0.66 -20.36
CA LEU D 198 19.67 0.19 -20.10
C LEU D 198 18.71 1.35 -20.15
N ASN D 199 17.59 1.11 -20.81
CA ASN D 199 16.45 2.02 -20.78
C ASN D 199 15.16 1.26 -20.46
N ALA D 200 14.22 1.97 -19.89
CA ALA D 200 12.93 1.43 -19.57
C ALA D 200 11.88 2.50 -19.80
N THR D 201 10.79 2.09 -20.40
CA THR D 201 9.67 3.00 -20.63
C THR D 201 8.40 2.20 -20.72
N PHE D 202 7.36 2.73 -20.12
CA PHE D 202 6.06 2.06 -20.11
C PHE D 202 5.42 2.16 -21.50
N GLN D 203 5.01 1.02 -22.01
CA GLN D 203 4.42 0.91 -23.35
C GLN D 203 3.12 0.09 -23.38
N PRO D 204 2.09 0.53 -22.64
CA PRO D 204 0.88 -0.26 -22.49
C PRO D 204 0.17 -0.61 -23.78
N ALA D 205 0.07 0.37 -24.68
CA ALA D 205 -0.59 0.20 -26.00
C ALA D 205 0.11 -0.85 -26.85
N LYS D 206 1.43 -0.74 -26.89
CA LYS D 206 2.26 -1.63 -27.72
C LYS D 206 2.26 -3.02 -27.14
N ILE D 207 2.44 -3.08 -25.85
CA ILE D 207 2.55 -4.38 -25.13
C ILE D 207 1.19 -5.02 -24.91
N GLY D 208 0.14 -4.21 -24.96
CA GLY D 208 -1.24 -4.72 -24.84
C GLY D 208 -1.68 -5.01 -23.42
N HIS D 209 -0.94 -4.42 -22.48
CA HIS D 209 -1.18 -4.60 -21.05
C HIS D 209 -0.97 -3.28 -20.34
N PRO D 210 -1.89 -2.88 -19.45
CA PRO D 210 -1.77 -1.58 -18.73
C PRO D 210 -0.54 -1.42 -17.83
N HIS D 211 0.11 -2.54 -17.55
CA HIS D 211 1.33 -2.62 -16.76
C HIS D 211 2.53 -2.99 -17.63
N GLY D 212 2.34 -2.91 -18.92
CA GLY D 212 3.42 -3.21 -19.89
C GLY D 212 4.59 -2.24 -19.84
N LEU D 213 5.75 -2.78 -19.46
CA LEU D 213 7.00 -2.07 -19.38
C LEU D 213 8.00 -2.63 -20.41
N GLN D 214 8.49 -1.76 -21.28
CA GLN D 214 9.51 -2.10 -22.27
C GLN D 214 10.86 -1.72 -21.74
N VAL D 215 11.75 -2.70 -21.68
CA VAL D 215 13.13 -2.51 -21.26
C VAL D 215 14.07 -2.77 -22.44
N THR D 216 14.99 -1.83 -22.66
CA THR D 216 16.03 -1.99 -23.70
C THR D 216 17.42 -1.99 -23.12
N TYR D 217 18.30 -2.69 -23.82
CA TYR D 217 19.72 -2.74 -23.45
C TYR D 217 20.56 -3.03 -24.70
N LEU D 218 21.85 -3.08 -24.49
CA LEU D 218 22.78 -3.29 -25.60
C LEU D 218 23.48 -4.63 -25.43
N LYS D 219 23.31 -5.48 -26.44
CA LYS D 219 23.94 -6.80 -26.47
C LYS D 219 24.80 -6.90 -27.73
N ASP D 220 26.12 -6.87 -27.49
CA ASP D 220 27.16 -6.93 -28.55
C ASP D 220 26.98 -5.80 -29.56
N ASN D 221 26.91 -4.59 -29.02
CA ASN D 221 26.78 -3.37 -29.82
C ASN D 221 25.39 -3.10 -30.37
N SER D 222 24.54 -4.13 -30.38
CA SER D 222 23.15 -4.00 -30.88
C SER D 222 22.12 -3.94 -29.74
N THR D 223 21.04 -3.22 -30.02
CA THR D 223 19.99 -2.90 -29.05
C THR D 223 18.89 -3.98 -29.00
N ARG D 224 18.70 -4.52 -27.80
CA ARG D 224 17.67 -5.55 -27.59
C ARG D 224 16.47 -5.04 -26.84
N ASN D 225 15.33 -5.53 -27.27
CA ASN D 225 14.05 -5.25 -26.62
C ASN D 225 13.53 -6.40 -25.76
N ILE D 226 13.00 -6.00 -24.61
CA ILE D 226 12.38 -6.91 -23.64
CA ILE D 226 12.37 -6.92 -23.64
C ILE D 226 11.03 -6.31 -23.17
N PHE D 227 10.01 -7.14 -23.15
CA PHE D 227 8.66 -6.73 -22.80
C PHE D 227 8.11 -7.54 -21.59
N ILE D 228 7.86 -6.83 -20.53
CA ILE D 228 7.48 -7.42 -19.25
C ILE D 228 6.33 -6.68 -18.62
N TYR D 229 5.69 -7.36 -17.70
CA TYR D 229 4.66 -6.77 -16.84
C TYR D 229 4.57 -7.48 -15.50
N HIS D 230 4.02 -6.76 -14.54
CA HIS D 230 3.62 -7.30 -13.25
C HIS D 230 2.09 -7.23 -13.19
N GLU D 231 1.50 -8.19 -12.49
CA GLU D 231 0.04 -8.21 -12.29
C GLU D 231 -0.43 -6.99 -11.51
N ASP D 232 0.40 -6.58 -10.58
CA ASP D 232 0.13 -5.47 -9.65
C ASP D 232 0.86 -4.18 -10.06
N GLY D 233 0.08 -3.13 -10.16
CA GLY D 233 0.54 -1.79 -10.58
C GLY D 233 1.68 -1.18 -9.81
N LYS D 234 1.56 -1.20 -8.50
CA LYS D 234 2.62 -0.68 -7.63
C LYS D 234 3.95 -1.42 -7.88
N GLU D 235 3.90 -2.73 -8.04
CA GLU D 235 5.15 -3.51 -8.12
C GLU D 235 5.95 -3.21 -9.39
N ILE D 236 5.25 -2.94 -10.50
CA ILE D 236 5.92 -2.66 -11.78
C ILE D 236 6.48 -1.24 -11.75
N VAL D 237 5.72 -0.34 -11.15
CA VAL D 237 6.20 1.05 -10.96
C VAL D 237 7.41 1.05 -10.02
N ASP D 238 7.37 0.20 -8.99
CA ASP D 238 8.51 0.05 -8.08
C ASP D 238 9.78 -0.46 -8.83
N TRP D 239 9.58 -1.38 -9.76
CA TRP D 239 10.64 -1.92 -10.63
C TRP D 239 11.22 -0.83 -11.55
N PHE D 240 10.32 -0.09 -12.14
CA PHE D 240 10.64 1.08 -12.97
C PHE D 240 11.58 2.06 -12.24
N ASN D 241 11.14 2.50 -11.08
CA ASN D 241 11.91 3.44 -10.26
C ASN D 241 13.18 2.87 -9.63
N ALA D 242 13.16 1.58 -9.38
CA ALA D 242 14.38 0.84 -9.02
C ALA D 242 15.43 0.85 -10.16
N LEU D 243 14.98 0.67 -11.38
CA LEU D 243 15.84 0.78 -12.58
C LEU D 243 16.43 2.19 -12.77
N ARG D 244 15.60 3.20 -12.49
CA ARG D 244 16.02 4.62 -12.55
C ARG D 244 17.09 4.90 -11.51
N ALA D 245 16.85 4.36 -10.32
CA ALA D 245 17.80 4.49 -9.21
C ALA D 245 19.14 3.86 -9.53
N ALA D 246 19.09 2.75 -10.25
CA ALA D 246 20.28 2.00 -10.59
C ALA D 246 21.04 2.80 -11.64
N ARG D 247 20.29 3.27 -12.61
CA ARG D 247 20.84 4.15 -13.65
C ARG D 247 21.55 5.35 -13.05
N PHE D 248 20.87 5.94 -12.08
CA PHE D 248 21.34 7.13 -11.34
C PHE D 248 22.67 6.89 -10.64
N HIS D 249 22.74 5.78 -9.91
CA HIS D 249 23.93 5.45 -9.15
C HIS D 249 25.06 5.04 -10.11
N TYR D 250 24.67 4.43 -11.21
CA TYR D 250 25.64 4.11 -12.25
C TYR D 250 26.25 5.38 -12.86
N LEU D 251 25.38 6.34 -13.17
CA LEU D 251 25.80 7.57 -13.85
C LEU D 251 26.66 8.47 -12.98
N GLN D 252 26.47 8.37 -11.67
CA GLN D 252 27.25 9.17 -10.72
C GLN D 252 28.69 8.71 -10.66
N VAL D 253 28.91 7.43 -10.97
CA VAL D 253 30.25 6.82 -10.94
C VAL D 253 30.94 7.06 -12.27
N ALA D 254 30.18 6.92 -13.35
CA ALA D 254 30.70 7.11 -14.71
C ALA D 254 30.99 8.57 -15.03
N PHE D 255 30.23 9.44 -14.37
CA PHE D 255 30.37 10.88 -14.51
C PHE D 255 30.56 11.54 -13.15
N PRO D 256 31.73 11.32 -12.54
CA PRO D 256 32.01 12.10 -11.34
C PRO D 256 32.11 13.57 -11.72
N GLY D 257 31.76 14.42 -10.76
CA GLY D 257 31.68 15.85 -11.04
C GLY D 257 30.41 16.30 -11.77
N ALA D 258 29.78 15.38 -12.50
CA ALA D 258 28.43 15.64 -13.06
C ALA D 258 27.50 15.85 -11.89
N SER D 259 26.57 16.77 -12.07
CA SER D 259 25.59 17.05 -11.03
C SER D 259 24.41 16.10 -11.17
N ASP D 260 23.69 15.95 -10.08
CA ASP D 260 22.48 15.11 -10.02
C ASP D 260 21.41 15.67 -10.95
N ALA D 261 21.40 16.98 -11.08
CA ALA D 261 20.47 17.68 -11.97
C ALA D 261 20.76 17.37 -13.44
N ASP D 262 22.03 17.20 -13.77
CA ASP D 262 22.47 16.84 -15.16
C ASP D 262 22.29 15.36 -15.48
N LEU D 263 22.32 14.53 -14.44
CA LEU D 263 22.17 13.06 -14.56
C LEU D 263 20.70 12.62 -14.69
N VAL D 264 19.84 13.26 -13.92
CA VAL D 264 18.43 12.86 -13.80
C VAL D 264 17.63 12.77 -15.12
N PRO D 265 17.86 13.71 -16.05
CA PRO D 265 17.19 13.63 -17.37
C PRO D 265 17.67 12.47 -18.25
N LYS D 266 18.73 11.81 -17.80
CA LYS D 266 19.34 10.73 -18.54
C LYS D 266 18.94 9.38 -18.01
N LEU D 267 18.12 9.36 -16.98
CA LEU D 267 17.89 8.10 -16.22
C LEU D 267 17.16 7.11 -17.10
N SER D 268 16.06 7.58 -17.66
CA SER D 268 15.34 6.80 -18.67
C SER D 268 14.66 7.75 -19.59
N ARG D 269 14.24 7.23 -20.71
CA ARG D 269 13.61 8.04 -21.73
C ARG D 269 12.37 7.39 -22.31
N ASN D 270 11.41 8.25 -22.56
CA ASN D 270 10.22 7.87 -23.32
C ASN D 270 10.46 8.22 -24.79
N TYR D 271 9.82 7.46 -25.64
CA TYR D 271 9.93 7.63 -27.09
C TYR D 271 9.12 8.84 -27.56
N LEU D 272 9.66 9.52 -28.56
CA LEU D 272 9.06 10.76 -29.09
C LEU D 272 7.91 10.47 -30.03
N LYS D 273 7.97 9.29 -30.62
CA LYS D 273 6.94 8.81 -31.52
C LYS D 273 7.30 7.45 -32.07
N GLU D 274 6.26 6.69 -32.37
CA GLU D 274 6.39 5.33 -32.85
C GLU D 274 5.30 5.08 -33.84
N GLY D 275 5.53 4.12 -34.71
CA GLY D 275 4.55 3.85 -35.77
C GLY D 275 5.13 3.40 -37.08
N TYR D 276 4.21 3.00 -37.93
CA TYR D 276 4.55 2.46 -39.25
C TYR D 276 4.89 3.57 -40.24
N MET D 277 5.95 3.31 -40.98
CA MET D 277 6.40 4.13 -42.11
C MET D 277 7.03 3.20 -43.12
N GLU D 278 7.10 3.64 -44.36
CA GLU D 278 7.83 2.89 -45.38
C GLU D 278 9.20 3.50 -45.62
N LYS D 279 10.20 2.65 -45.60
CA LYS D 279 11.56 3.08 -45.88
C LYS D 279 12.02 2.40 -47.15
N THR D 280 13.08 2.94 -47.73
CA THR D 280 13.67 2.31 -48.89
C THR D 280 15.16 2.02 -48.62
N GLY D 281 15.93 1.89 -49.69
CA GLY D 281 17.39 1.71 -49.62
C GLY D 281 18.12 2.98 -50.06
N PRO D 282 19.47 2.94 -50.07
CA PRO D 282 20.31 4.13 -50.31
C PRO D 282 20.47 4.54 -51.78
N PHE D 288 10.58 0.41 -51.42
CA PHE D 288 9.81 0.75 -50.21
C PHE D 288 9.18 -0.44 -49.50
N ARG D 289 9.54 -0.57 -48.23
CA ARG D 289 9.07 -1.63 -47.36
C ARG D 289 8.56 -1.03 -46.05
N LYS D 290 7.43 -1.54 -45.60
CA LYS D 290 6.76 -1.06 -44.35
C LYS D 290 7.49 -1.57 -43.12
N ARG D 291 7.77 -0.63 -42.23
CA ARG D 291 8.50 -0.94 -40.98
C ARG D 291 7.92 -0.17 -39.83
N TRP D 292 8.04 -0.76 -38.65
CA TRP D 292 7.71 -0.06 -37.39
C TRP D 292 8.90 0.77 -36.95
N PHE D 293 8.64 2.05 -36.70
CA PHE D 293 9.66 3.00 -36.33
C PHE D 293 9.47 3.49 -34.91
N THR D 294 10.60 3.72 -34.26
CA THR D 294 10.69 4.27 -32.92
C THR D 294 11.73 5.40 -32.82
N MET D 295 11.24 6.59 -32.55
CA MET D 295 12.11 7.74 -32.29
C MET D 295 12.50 7.74 -30.81
N ASP D 296 13.74 7.32 -30.56
CA ASP D 296 14.31 7.28 -29.20
C ASP D 296 15.40 8.31 -29.02
N ASP D 297 14.98 9.52 -28.67
CA ASP D 297 15.86 10.67 -28.50
C ASP D 297 16.42 11.08 -29.87
N ARG D 298 17.62 10.62 -30.18
CA ARG D 298 18.29 10.92 -31.44
C ARG D 298 18.49 9.69 -32.32
N ARG D 299 17.98 8.56 -31.83
CA ARG D 299 18.07 7.30 -32.56
C ARG D 299 16.73 6.88 -33.10
N LEU D 300 16.63 6.83 -34.41
CA LEU D 300 15.45 6.35 -35.08
C LEU D 300 15.64 4.87 -35.44
N MET D 301 14.96 4.02 -34.69
CA MET D 301 15.08 2.59 -34.86
C MET D 301 13.90 2.05 -35.62
N TYR D 302 14.16 1.02 -36.44
CA TYR D 302 13.08 0.38 -37.19
C TYR D 302 13.10 -1.12 -37.08
N PHE D 303 11.91 -1.66 -37.25
CA PHE D 303 11.60 -3.06 -36.96
C PHE D 303 10.60 -3.58 -37.97
N LYS D 304 10.66 -4.88 -38.21
CA LYS D 304 9.58 -5.57 -38.94
C LYS D 304 8.26 -5.39 -38.20
N ASP D 305 8.36 -5.60 -36.89
CA ASP D 305 7.19 -5.61 -35.99
C ASP D 305 7.54 -4.94 -34.63
N PRO D 306 6.55 -4.27 -33.99
CA PRO D 306 6.76 -3.55 -32.72
C PRO D 306 7.36 -4.35 -31.55
N LEU D 307 7.10 -5.65 -31.53
CA LEU D 307 7.47 -6.50 -30.39
C LEU D 307 8.68 -7.37 -30.69
N ASP D 308 9.40 -6.97 -31.73
CA ASP D 308 10.68 -7.64 -32.10
C ASP D 308 11.73 -7.45 -31.02
N ALA D 309 12.64 -8.39 -30.96
CA ALA D 309 13.73 -8.37 -29.98
C ALA D 309 14.82 -7.43 -30.42
N PHE D 310 15.00 -7.37 -31.73
CA PHE D 310 16.14 -6.67 -32.33
C PHE D 310 15.68 -5.71 -33.40
N ALA D 311 16.43 -4.65 -33.57
CA ALA D 311 16.17 -3.66 -34.65
C ALA D 311 16.77 -4.16 -35.96
N ARG D 312 16.08 -3.87 -37.04
CA ARG D 312 16.64 -4.11 -38.38
C ARG D 312 17.66 -3.04 -38.73
N GLY D 313 17.51 -1.89 -38.11
CA GLY D 313 18.43 -0.81 -38.35
C GLY D 313 18.09 0.44 -37.58
N GLU D 314 18.81 1.49 -37.90
CA GLU D 314 18.77 2.69 -37.10
C GLU D 314 19.44 3.87 -37.78
N VAL D 315 18.76 5.01 -37.69
CA VAL D 315 19.21 6.27 -38.26
C VAL D 315 19.43 7.27 -37.13
N PHE D 316 20.63 7.83 -37.10
CA PHE D 316 20.98 8.90 -36.15
C PHE D 316 20.49 10.24 -36.64
N ILE D 317 19.84 10.98 -35.75
CA ILE D 317 19.38 12.35 -36.05
C ILE D 317 20.01 13.33 -35.09
N GLY D 318 21.00 14.07 -35.57
CA GLY D 318 21.65 15.11 -34.80
C GLY D 318 20.98 16.44 -35.03
N SER D 319 21.69 17.48 -34.61
CA SER D 319 21.17 18.84 -34.62
C SER D 319 21.34 19.52 -35.95
N LYS D 320 20.58 20.58 -36.11
CA LYS D 320 20.66 21.45 -37.29
C LYS D 320 22.10 21.90 -37.52
N GLU D 321 22.77 22.20 -36.41
CA GLU D 321 24.12 22.78 -36.38
C GLU D 321 25.18 21.80 -36.89
N SER D 322 24.90 20.53 -36.74
CA SER D 322 25.77 19.41 -37.15
C SER D 322 25.44 18.91 -38.55
N GLY D 323 24.45 19.55 -39.17
CA GLY D 323 24.14 19.33 -40.58
C GLY D 323 22.98 18.42 -40.89
N TYR D 324 22.09 18.33 -39.93
CA TYR D 324 20.87 17.52 -40.06
C TYR D 324 19.63 18.38 -40.32
N THR D 325 18.85 17.96 -41.29
CA THR D 325 17.59 18.66 -41.58
C THR D 325 16.55 17.67 -42.04
N VAL D 326 15.31 18.07 -41.88
CA VAL D 326 14.16 17.25 -42.29
C VAL D 326 13.33 18.05 -43.29
N LEU D 327 12.95 17.36 -44.34
CA LEU D 327 12.19 17.93 -45.45
C LEU D 327 10.91 17.14 -45.68
N HIS D 328 9.92 17.85 -46.20
CA HIS D 328 8.66 17.25 -46.67
C HIS D 328 8.81 16.83 -48.11
N GLY D 329 8.07 15.81 -48.47
CA GLY D 329 8.11 15.26 -49.83
C GLY D 329 9.38 14.49 -50.07
N PHE D 330 9.43 13.90 -51.25
CA PHE D 330 10.59 13.15 -51.70
C PHE D 330 11.36 13.92 -52.79
N PRO D 331 12.64 13.55 -53.02
CA PRO D 331 13.39 14.08 -54.17
C PRO D 331 12.79 13.68 -55.52
N PRO D 332 13.21 14.35 -56.61
CA PRO D 332 12.81 14.03 -58.00
C PRO D 332 13.17 12.62 -58.47
N SER D 333 14.34 12.15 -58.11
CA SER D 333 14.84 10.83 -58.58
C SER D 333 14.15 9.63 -57.93
N THR D 334 12.97 9.87 -57.37
CA THR D 334 12.28 8.88 -56.51
C THR D 334 11.26 8.02 -57.26
N GLN D 335 11.55 6.72 -57.31
CA GLN D 335 10.72 5.73 -57.97
C GLN D 335 10.27 4.63 -57.02
N GLY D 336 9.17 3.99 -57.39
CA GLY D 336 8.60 2.88 -56.64
C GLY D 336 7.19 3.17 -56.16
N HIS D 337 6.47 2.09 -55.86
CA HIS D 337 5.15 2.21 -55.22
C HIS D 337 5.39 2.46 -53.73
N HIS D 338 4.70 3.45 -53.21
CA HIS D 338 4.87 3.85 -51.82
C HIS D 338 3.75 4.74 -51.31
N TRP D 339 3.72 4.87 -50.00
CA TRP D 339 2.76 5.75 -49.34
C TRP D 339 2.97 7.21 -49.81
N PRO D 340 1.87 7.99 -49.83
CA PRO D 340 1.88 9.23 -50.62
C PRO D 340 2.41 10.46 -49.93
N HIS D 341 2.88 10.31 -48.71
CA HIS D 341 3.37 11.45 -47.91
C HIS D 341 4.81 11.21 -47.43
N GLY D 342 5.71 11.87 -48.14
CA GLY D 342 7.14 11.67 -48.01
C GLY D 342 7.81 12.59 -47.01
N ILE D 343 8.83 12.02 -46.38
CA ILE D 343 9.74 12.75 -45.52
C ILE D 343 11.17 12.41 -45.94
N THR D 344 12.01 13.43 -45.96
CA THR D 344 13.44 13.24 -46.22
C THR D 344 14.22 13.72 -45.02
N ILE D 345 15.06 12.84 -44.50
CA ILE D 345 16.09 13.26 -43.53
C ILE D 345 17.44 13.38 -44.25
N VAL D 346 17.94 14.61 -44.25
CA VAL D 346 19.24 14.90 -44.81
C VAL D 346 20.23 14.95 -43.68
N THR D 347 21.18 14.02 -43.73
CA THR D 347 22.28 13.96 -42.81
C THR D 347 23.57 14.30 -43.58
N PRO D 348 24.65 14.62 -42.87
CA PRO D 348 25.89 14.83 -43.60
C PRO D 348 26.36 13.63 -44.45
N ASP D 349 25.85 12.44 -44.14
CA ASP D 349 26.34 11.19 -44.77
C ASP D 349 25.59 10.79 -45.99
N ARG D 350 24.30 11.10 -45.98
CA ARG D 350 23.35 10.68 -47.02
C ARG D 350 21.95 11.17 -46.69
N LYS D 351 21.03 10.81 -47.56
CA LYS D 351 19.62 11.11 -47.34
C LYS D 351 18.90 9.84 -46.99
N PHE D 352 17.91 9.97 -46.11
CA PHE D 352 16.93 8.91 -45.87
C PHE D 352 15.50 9.37 -46.22
N LEU D 353 14.82 8.51 -46.97
CA LEU D 353 13.47 8.75 -47.43
C LEU D 353 12.48 7.86 -46.70
N PHE D 354 11.45 8.50 -46.16
CA PHE D 354 10.37 7.81 -45.44
C PHE D 354 9.02 8.21 -45.99
N ALA D 355 8.16 7.21 -46.17
CA ALA D 355 6.78 7.41 -46.65
C ALA D 355 5.78 7.13 -45.54
N CYS D 356 4.92 8.11 -45.33
CA CYS D 356 3.82 8.02 -44.37
C CYS D 356 2.48 7.81 -45.06
N GLU D 357 1.69 6.96 -44.43
CA GLU D 357 0.38 6.56 -44.98
C GLU D 357 -0.54 7.75 -45.16
N THR D 358 -0.52 8.63 -44.14
CA THR D 358 -1.40 9.81 -44.10
C THR D 358 -0.67 11.10 -43.75
N GLU D 359 -1.31 12.20 -44.12
CA GLU D 359 -0.79 13.57 -43.86
C GLU D 359 -0.65 13.84 -42.38
N SER D 360 -1.51 13.18 -41.63
CA SER D 360 -1.57 13.32 -40.17
C SER D 360 -0.31 12.75 -39.53
N ASP D 361 -0.02 11.51 -39.91
CA ASP D 361 1.22 10.80 -39.54
C ASP D 361 2.45 11.61 -39.93
N GLN D 362 2.41 12.13 -41.15
CA GLN D 362 3.54 12.88 -41.71
C GLN D 362 3.91 14.06 -40.82
N ARG D 363 2.90 14.78 -40.38
CA ARG D 363 3.09 16.01 -39.61
C ARG D 363 3.64 15.71 -38.23
N GLU D 364 3.19 14.61 -37.67
CA GLU D 364 3.65 14.20 -36.35
C GLU D 364 5.12 13.78 -36.43
N TRP D 365 5.41 12.99 -37.46
CA TRP D 365 6.77 12.49 -37.72
C TRP D 365 7.72 13.63 -38.02
N VAL D 366 7.27 14.52 -38.88
CA VAL D 366 8.07 15.72 -39.20
C VAL D 366 8.36 16.48 -37.94
N ALA D 367 7.33 16.62 -37.10
CA ALA D 367 7.46 17.39 -35.84
C ALA D 367 8.40 16.74 -34.81
N ALA D 368 8.44 15.41 -34.82
CA ALA D 368 9.28 14.64 -33.89
C ALA D 368 10.75 14.74 -34.33
N PHE D 369 10.98 14.50 -35.61
CA PHE D 369 12.31 14.70 -36.24
C PHE D 369 12.83 16.13 -36.05
N GLN D 370 11.93 17.09 -36.24
CA GLN D 370 12.27 18.52 -36.11
C GLN D 370 12.61 18.90 -34.68
N LYS D 371 12.02 18.22 -33.72
CA LYS D 371 12.36 18.46 -32.30
C LYS D 371 13.82 18.07 -32.01
N ALA D 372 14.26 16.95 -32.59
CA ALA D 372 15.67 16.48 -32.44
C ALA D 372 16.66 17.45 -33.10
N VAL D 373 16.34 17.92 -34.30
CA VAL D 373 17.25 18.81 -35.04
C VAL D 373 17.30 20.24 -34.47
N ASP D 374 16.23 20.65 -33.81
CA ASP D 374 16.09 22.02 -33.25
C ASP D 374 16.74 22.17 -31.88
N ARG D 375 17.07 21.04 -31.29
CA ARG D 375 17.80 21.00 -30.04
C ARG D 375 19.31 20.82 -30.27
N PRO D 376 20.11 21.82 -29.86
CA PRO D 376 21.57 21.70 -29.83
C PRO D 376 22.09 20.46 -29.11
N MET D 377 23.25 20.01 -29.55
CA MET D 377 23.94 18.89 -28.90
C MET D 377 25.06 19.36 -27.98
N LEU D 378 25.01 18.89 -26.76
CA LEU D 378 26.06 19.17 -25.78
C LEU D 378 27.30 18.40 -26.24
N PRO D 379 28.50 19.03 -26.21
CA PRO D 379 29.71 18.39 -26.76
C PRO D 379 29.99 16.95 -26.32
N GLN D 380 29.44 16.58 -25.18
CA GLN D 380 29.56 15.20 -24.64
C GLN D 380 28.65 14.24 -25.39
N GLU D 381 27.59 14.77 -25.98
CA GLU D 381 26.66 13.97 -26.79
C GLU D 381 27.34 13.39 -28.03
N TYR D 382 28.33 14.11 -28.55
CA TYR D 382 29.05 13.64 -29.77
C TYR D 382 29.77 12.30 -29.59
N ALA D 383 30.30 12.09 -28.40
CA ALA D 383 31.09 10.86 -28.09
C ALA D 383 30.26 9.59 -28.13
N VAL D 384 28.96 9.75 -27.96
CA VAL D 384 28.02 8.63 -28.08
C VAL D 384 28.04 8.14 -29.53
#